data_2QLY
#
_entry.id   2QLY
#
_cell.length_a   93.167
_cell.length_b   107.645
_cell.length_c   111.966
_cell.angle_alpha   90.00
_cell.angle_beta   90.00
_cell.angle_gamma   90.00
#
_symmetry.space_group_name_H-M   'P 21 21 21'
#
loop_
_entity.id
_entity.type
_entity.pdbx_description
1 polymer 'Maltase-glucoamylase, intestinal'
2 branched 2-acetamido-2-deoxy-beta-D-glucopyranose-(1-4)-2-acetamido-2-deoxy-beta-D-glucopyranose
3 non-polymer 2-acetamido-2-deoxy-beta-D-glucopyranose
4 non-polymer GLYCEROL
5 water water
#
_entity_poly.entity_id   1
_entity_poly.type   'polypeptide(L)'
_entity_poly.pdbx_seq_one_letter_code
;SAECPVVNELERINCIPDQPPTKATCDQRGCCWNPQGAVSVPWCYYSKNHSYHVEGNLVNTNAGFTARLKNLPSSPVFGS
NVDNVLLTAEYQTSNRFHFKLTDQTNNRFEVPHEHVQSFSGNAAASLTYQVEISRQPFSIKVTRRSNNRVLFDSSIGPLL
FADQFLQLSTRLPSTNVYGLGEHVHQQYRHDMNWKTWPIFNRDTTPNGNGTNLYGAQTFFLCLEDASGLSFGVFLMNSNA
MEVVLQPAPAITYRTIGGILDFYVFLGNTPEQVVQEYLELIGRPALPSYWALGFHLSRYEYGTLDNMREVVERNRAAQLP
YDVQHADIDYMDERRDFTYDSVDFKGFPEFVNELHNNGQKLVIIVDPAISNNSSSSKPYGPYDRGSDMKIWVNSSDGVTP
LIGEVWPGQTVFPDYTNPNCAVWWTKEFELFHNQVEFDGIWIDMNEVSNFVDGSVSGCSTNNLNNPPFTPRILDGYLFCK
TLCMDAVQHWGKQYDIHNLYGYSMAVATAEAAKTVFPNKRSFILTRSTFAGSGKFAAHWLGDNTATWDDLRWSIPGVLEF
NLFGIPMVGPDICGFALDTPEELCRRWMQLGAFYPFSRNHNGQGYKDQDPASFGADSLLLNSSRHYLNIRYTLLPYLYTL
FFRAHSRGDTVARPLLHEFYEDNSTWDVHQQFLWGPGLLITPVLDEGAEKVMAYVPDAVWYDYETGSQVRWRKQKVEMEL
PGDKIGLHLRGGYIFPTQQPNTTTLASRKNPLGLIIALDENKEAKGELFWDDGETKDTVANKVYLLCEFSVTQNRLEVNI
SQSTYKDPNNLAFNEIKILGTEEPSNVTVKHNGVPSQTSPTVTYDSNLKVAIITDIDLLLGEAYTVEWAH
;
_entity_poly.pdbx_strand_id   A
#
# COMPACT_ATOMS: atom_id res chain seq x y z
N VAL A 7 34.40 -13.10 -15.95
CA VAL A 7 33.21 -12.54 -15.21
C VAL A 7 32.60 -13.67 -14.39
N ASN A 8 32.18 -13.34 -13.17
CA ASN A 8 31.33 -14.22 -12.41
C ASN A 8 29.98 -14.27 -13.13
N GLU A 9 29.47 -15.47 -13.36
CA GLU A 9 28.23 -15.57 -14.12
C GLU A 9 27.02 -14.91 -13.44
N LEU A 10 27.07 -14.70 -12.13
CA LEU A 10 25.95 -14.08 -11.42
C LEU A 10 25.88 -12.57 -11.62
N GLU A 11 26.95 -12.00 -12.21
CA GLU A 11 27.10 -10.60 -12.45
C GLU A 11 26.89 -10.20 -13.90
N ARG A 12 26.58 -11.16 -14.78
CA ARG A 12 26.33 -10.84 -16.19
CA ARG A 12 26.37 -10.82 -16.19
C ARG A 12 25.05 -10.09 -16.32
N ILE A 13 25.09 -8.99 -17.06
CA ILE A 13 23.91 -8.22 -17.32
C ILE A 13 23.48 -8.56 -18.74
N ASN A 14 22.29 -9.19 -18.83
CA ASN A 14 21.71 -9.62 -20.09
C ASN A 14 21.65 -8.51 -21.15
N CYS A 15 22.31 -8.78 -22.29
CA CYS A 15 22.39 -7.88 -23.43
C CYS A 15 21.26 -8.18 -24.46
N ILE A 16 20.58 -9.31 -24.32
CA ILE A 16 19.45 -9.63 -25.23
C ILE A 16 18.17 -9.86 -24.42
N PRO A 17 17.57 -8.76 -23.94
CA PRO A 17 16.37 -8.87 -23.14
C PRO A 17 15.10 -9.08 -24.02
N ASP A 18 15.25 -8.91 -25.33
CA ASP A 18 14.15 -8.76 -26.28
C ASP A 18 13.89 -9.97 -27.21
N GLN A 19 14.60 -11.08 -27.04
CA GLN A 19 14.49 -12.21 -28.00
C GLN A 19 15.29 -13.39 -27.46
N PRO A 20 15.12 -14.61 -28.03
CA PRO A 20 16.02 -15.75 -27.66
C PRO A 20 17.51 -15.46 -28.01
N PRO A 21 18.46 -15.66 -27.07
CA PRO A 21 19.85 -15.22 -27.33
C PRO A 21 20.53 -16.00 -28.45
N THR A 22 21.21 -15.29 -29.34
CA THR A 22 22.05 -15.94 -30.36
C THR A 22 23.33 -15.16 -30.57
N LYS A 23 24.36 -15.85 -31.06
CA LYS A 23 25.69 -15.23 -31.29
C LYS A 23 25.65 -14.11 -32.29
N ALA A 24 24.93 -14.30 -33.38
CA ALA A 24 24.85 -13.27 -34.41
C ALA A 24 24.38 -11.95 -33.82
N THR A 25 23.26 -11.97 -33.08
CA THR A 25 22.77 -10.75 -32.39
C THR A 25 23.79 -10.21 -31.40
N CYS A 26 24.38 -11.10 -30.60
CA CYS A 26 25.41 -10.76 -29.64
C CYS A 26 26.53 -9.99 -30.33
N ASP A 27 27.04 -10.53 -31.44
CA ASP A 27 28.17 -9.94 -32.19
C ASP A 27 27.78 -8.60 -32.76
N GLN A 28 26.56 -8.54 -33.26
CA GLN A 28 25.98 -7.35 -33.83
C GLN A 28 25.89 -6.21 -32.80
N ARG A 29 25.64 -6.57 -31.53
CA ARG A 29 25.45 -5.60 -30.45
C ARG A 29 26.76 -5.31 -29.75
N GLY A 30 27.80 -6.05 -30.12
CA GLY A 30 29.12 -5.91 -29.50
C GLY A 30 29.23 -6.42 -28.09
N CYS A 31 28.42 -7.43 -27.75
CA CYS A 31 28.36 -7.96 -26.38
C CYS A 31 29.21 -9.20 -26.26
N CYS A 32 29.18 -9.86 -25.10
CA CYS A 32 29.98 -11.03 -24.87
C CYS A 32 29.10 -12.24 -24.98
N TRP A 33 29.67 -13.37 -25.41
CA TRP A 33 28.90 -14.55 -25.70
C TRP A 33 29.48 -15.70 -24.94
N ASN A 34 28.65 -16.36 -24.14
CA ASN A 34 29.10 -17.50 -23.37
C ASN A 34 27.91 -18.34 -22.96
N PRO A 35 27.50 -19.27 -23.84
CA PRO A 35 26.35 -20.09 -23.50
C PRO A 35 26.65 -21.22 -22.52
N GLN A 36 27.79 -21.19 -21.85
CA GLN A 36 28.16 -22.33 -20.99
C GLN A 36 27.70 -22.20 -19.53
N GLY A 37 26.80 -21.24 -19.27
CA GLY A 37 26.35 -20.99 -17.92
C GLY A 37 25.26 -21.92 -17.41
N ALA A 38 24.97 -21.80 -16.11
CA ALA A 38 23.79 -22.39 -15.44
C ALA A 38 22.44 -21.85 -15.94
N VAL A 39 21.33 -22.50 -15.58
CA VAL A 39 20.02 -22.05 -16.01
C VAL A 39 19.74 -20.57 -15.69
N SER A 40 19.14 -19.89 -16.67
CA SER A 40 18.77 -18.46 -16.61
C SER A 40 19.94 -17.48 -16.62
N VAL A 41 21.16 -17.96 -16.47
CA VAL A 41 22.37 -17.12 -16.57
C VAL A 41 22.42 -16.65 -18.02
N PRO A 42 22.53 -15.32 -18.26
CA PRO A 42 22.50 -14.79 -19.63
C PRO A 42 23.64 -15.29 -20.51
N TRP A 43 23.27 -15.86 -21.67
CA TRP A 43 24.25 -16.25 -22.69
C TRP A 43 24.93 -15.05 -23.31
N CYS A 44 24.21 -13.97 -23.46
CA CYS A 44 24.77 -12.80 -24.09
C CYS A 44 24.70 -11.64 -23.10
N TYR A 45 25.85 -11.06 -22.79
CA TYR A 45 25.92 -10.08 -21.72
C TYR A 45 26.86 -8.93 -22.03
N TYR A 46 26.70 -7.83 -21.34
CA TYR A 46 27.38 -6.61 -21.69
C TYR A 46 28.86 -6.76 -21.34
N SER A 47 29.69 -6.20 -22.22
CA SER A 47 31.14 -6.16 -21.99
C SER A 47 31.47 -5.09 -20.97
N LYS A 48 32.75 -5.02 -20.62
CA LYS A 48 33.21 -4.16 -19.53
C LYS A 48 33.21 -2.67 -19.92
N ASN A 49 33.34 -2.40 -21.21
CA ASN A 49 33.32 -1.03 -21.75
C ASN A 49 32.29 -0.85 -22.88
N HIS A 50 31.06 -0.54 -22.52
CA HIS A 50 29.97 -0.51 -23.51
C HIS A 50 29.55 0.93 -23.79
N SER A 51 29.35 1.67 -22.71
CA SER A 51 28.39 2.74 -22.73
C SER A 51 28.99 4.14 -22.71
N TYR A 52 28.73 4.86 -21.64
CA TYR A 52 29.05 6.26 -21.56
C TYR A 52 30.32 6.40 -20.76
N HIS A 53 30.98 7.52 -20.96
CA HIS A 53 32.12 7.90 -20.15
C HIS A 53 31.88 9.35 -19.75
N VAL A 54 32.47 9.78 -18.65
CA VAL A 54 32.38 11.19 -18.30
C VAL A 54 33.28 11.96 -19.26
N GLU A 55 32.77 13.06 -19.76
CA GLU A 55 33.49 13.96 -20.63
C GLU A 55 33.92 15.14 -19.78
N GLY A 56 35.22 15.31 -19.59
CA GLY A 56 35.72 16.49 -18.90
C GLY A 56 35.48 16.38 -17.41
N ASN A 57 35.25 17.49 -16.75
CA ASN A 57 35.26 17.45 -15.30
C ASN A 57 33.85 17.54 -14.76
N LEU A 58 33.67 17.05 -13.54
CA LEU A 58 32.44 17.30 -12.81
C LEU A 58 32.41 18.73 -12.34
N VAL A 59 31.21 19.30 -12.26
CA VAL A 59 31.02 20.69 -11.85
C VAL A 59 30.28 20.71 -10.53
N ASN A 60 30.87 21.34 -9.51
CA ASN A 60 30.16 21.56 -8.27
C ASN A 60 29.03 22.52 -8.45
N THR A 61 27.89 22.19 -7.85
CA THR A 61 26.74 23.08 -7.91
C THR A 61 26.38 23.36 -6.47
N ASN A 62 25.46 24.30 -6.21
CA ASN A 62 24.92 24.54 -4.87
C ASN A 62 24.33 23.24 -4.25
N ALA A 63 23.69 22.42 -5.09
CA ALA A 63 22.88 21.28 -4.63
C ALA A 63 23.67 20.00 -4.56
N GLY A 64 24.77 19.96 -5.32
CA GLY A 64 25.58 18.78 -5.49
C GLY A 64 26.58 18.93 -6.60
N PHE A 65 26.30 18.29 -7.72
CA PHE A 65 27.25 18.35 -8.84
C PHE A 65 26.53 17.95 -10.14
N THR A 66 27.11 18.35 -11.26
CA THR A 66 26.67 17.83 -12.55
C THR A 66 27.83 17.20 -13.31
N ALA A 67 27.48 16.31 -14.24
CA ALA A 67 28.47 15.74 -15.11
C ALA A 67 27.87 15.63 -16.50
N ARG A 68 28.72 15.76 -17.51
CA ARG A 68 28.34 15.48 -18.90
C ARG A 68 28.82 14.11 -19.25
N LEU A 69 27.92 13.26 -19.79
CA LEU A 69 28.26 11.90 -20.15
C LEU A 69 28.16 11.75 -21.65
N LYS A 70 29.13 11.07 -22.24
CA LYS A 70 29.21 11.04 -23.69
C LYS A 70 29.22 9.60 -24.09
N ASN A 71 28.35 9.25 -25.03
CA ASN A 71 28.25 7.89 -25.48
C ASN A 71 29.39 7.54 -26.42
N LEU A 72 30.02 6.40 -26.15
CA LEU A 72 31.07 5.83 -26.98
C LEU A 72 30.36 5.12 -28.12
N PRO A 73 30.51 5.63 -29.37
CA PRO A 73 29.46 5.44 -30.39
C PRO A 73 29.02 3.97 -30.65
N SER A 74 27.81 3.83 -31.20
CA SER A 74 27.16 2.55 -31.51
C SER A 74 25.90 2.83 -32.31
N SER A 75 25.68 2.02 -33.34
CA SER A 75 24.44 2.02 -34.14
C SER A 75 23.17 1.54 -33.35
N PRO A 76 21.98 2.07 -33.73
CA PRO A 76 20.73 1.91 -32.93
C PRO A 76 20.17 0.48 -32.81
N VAL A 77 19.84 0.10 -31.58
CA VAL A 77 19.27 -1.20 -31.25
C VAL A 77 17.79 -1.01 -30.96
N PHE A 78 17.51 -0.24 -29.91
CA PHE A 78 16.15 0.04 -29.49
C PHE A 78 15.84 1.48 -29.71
N GLY A 79 16.07 1.91 -30.95
CA GLY A 79 15.75 3.26 -31.37
C GLY A 79 16.89 4.25 -31.15
N SER A 80 16.54 5.52 -31.34
CA SER A 80 17.49 6.62 -31.35
C SER A 80 18.16 6.79 -29.98
N ASN A 81 19.46 6.47 -29.93
CA ASN A 81 20.31 6.64 -28.76
C ASN A 81 20.58 8.12 -28.42
N VAL A 82 20.95 8.40 -27.17
CA VAL A 82 21.17 9.77 -26.71
C VAL A 82 22.67 9.95 -26.47
N ASP A 83 23.35 10.67 -27.35
CA ASP A 83 24.82 10.70 -27.35
C ASP A 83 25.42 11.50 -26.17
N ASN A 84 24.70 12.53 -25.75
CA ASN A 84 25.08 13.37 -24.63
C ASN A 84 24.04 13.43 -23.53
N VAL A 85 24.41 12.84 -22.40
CA VAL A 85 23.53 12.71 -21.25
C VAL A 85 24.04 13.69 -20.17
N LEU A 86 23.12 14.33 -19.46
CA LEU A 86 23.49 15.13 -18.32
C LEU A 86 23.15 14.39 -17.00
N LEU A 87 24.14 14.28 -16.10
CA LEU A 87 23.88 13.79 -14.76
C LEU A 87 23.79 14.96 -13.81
N THR A 88 22.68 15.03 -13.08
CA THR A 88 22.50 16.07 -12.10
C THR A 88 22.30 15.38 -10.78
N ALA A 89 23.11 15.71 -9.77
CA ALA A 89 23.06 15.07 -8.47
C ALA A 89 22.81 16.12 -7.40
N GLU A 90 21.89 15.79 -6.47
CA GLU A 90 21.45 16.68 -5.42
C GLU A 90 21.53 15.95 -4.09
N TYR A 91 22.31 16.52 -3.18
CA TYR A 91 22.40 16.06 -1.81
C TYR A 91 21.24 16.66 -1.07
N GLN A 92 20.05 16.10 -1.23
CA GLN A 92 18.85 16.78 -0.79
C GLN A 92 18.72 16.85 0.75
N THR A 93 19.00 15.75 1.40
CA THR A 93 18.95 15.72 2.86
C THR A 93 20.07 14.83 3.32
N SER A 94 20.32 14.77 4.63
CA SER A 94 21.34 13.85 5.17
C SER A 94 21.15 12.40 4.82
N ASN A 95 19.90 12.02 4.54
CA ASN A 95 19.60 10.62 4.31
C ASN A 95 18.95 10.38 2.95
N ARG A 96 18.86 11.41 2.13
CA ARG A 96 18.25 11.23 0.81
C ARG A 96 19.11 11.87 -0.25
N PHE A 97 19.43 11.08 -1.25
CA PHE A 97 20.25 11.48 -2.39
C PHE A 97 19.34 11.38 -3.61
N HIS A 98 19.50 12.30 -4.52
CA HIS A 98 18.71 12.31 -5.75
C HIS A 98 19.70 12.47 -6.88
N PHE A 99 19.55 11.65 -7.92
CA PHE A 99 20.27 11.90 -9.16
C PHE A 99 19.39 11.58 -10.34
N LYS A 100 19.56 12.37 -11.39
CA LYS A 100 18.84 12.11 -12.61
C LYS A 100 19.74 12.18 -13.80
N LEU A 101 19.39 11.35 -14.78
CA LEU A 101 20.09 11.27 -16.03
C LEU A 101 19.08 11.75 -17.05
N THR A 102 19.41 12.85 -17.74
CA THR A 102 18.55 13.47 -18.74
C THR A 102 19.31 13.58 -20.06
N ASP A 103 18.59 13.98 -21.12
CA ASP A 103 19.23 14.27 -22.41
C ASP A 103 19.76 15.71 -22.31
N GLN A 104 21.05 15.88 -22.50
CA GLN A 104 21.65 17.22 -22.47
C GLN A 104 20.98 18.24 -23.37
N THR A 105 20.57 17.77 -24.54
CA THR A 105 20.10 18.60 -25.65
C THR A 105 18.58 18.75 -25.79
N ASN A 106 17.84 17.80 -25.21
CA ASN A 106 16.39 17.77 -25.32
C ASN A 106 15.75 17.53 -23.98
N ASN A 107 14.66 18.24 -23.72
CA ASN A 107 13.79 17.93 -22.62
C ASN A 107 13.01 16.66 -22.94
N ARG A 108 12.75 15.87 -21.90
CA ARG A 108 12.06 14.62 -22.06
C ARG A 108 10.97 14.59 -21.02
N PHE A 109 10.04 13.67 -21.17
CA PHE A 109 8.97 13.53 -20.21
C PHE A 109 9.53 13.28 -18.80
N GLU A 110 8.95 13.98 -17.84
CA GLU A 110 9.22 13.81 -16.43
C GLU A 110 7.91 13.77 -15.70
N VAL A 111 7.80 12.85 -14.74
CA VAL A 111 6.56 12.64 -14.02
C VAL A 111 6.10 13.92 -13.33
N PRO A 112 4.86 14.40 -13.63
CA PRO A 112 4.35 15.59 -12.95
C PRO A 112 3.69 15.23 -11.60
N HIS A 113 4.52 14.74 -10.67
CA HIS A 113 4.06 14.30 -9.38
C HIS A 113 3.41 15.41 -8.56
N GLU A 114 2.31 15.11 -7.88
CA GLU A 114 1.54 16.11 -7.15
C GLU A 114 2.24 16.49 -5.86
N HIS A 115 3.08 15.60 -5.33
CA HIS A 115 3.69 15.89 -4.04
C HIS A 115 5.18 16.23 -4.09
N VAL A 116 5.97 15.44 -4.81
CA VAL A 116 7.39 15.73 -4.96
C VAL A 116 7.53 17.08 -5.66
N GLN A 117 8.39 17.94 -5.12
CA GLN A 117 8.77 19.21 -5.76
C GLN A 117 10.21 19.22 -6.18
N SER A 118 10.61 20.17 -7.03
CA SER A 118 12.02 20.27 -7.43
C SER A 118 12.79 20.82 -6.22
N PHE A 119 14.08 20.58 -6.19
CA PHE A 119 14.92 21.02 -5.14
C PHE A 119 15.51 22.39 -5.49
N SER A 120 15.50 23.29 -4.51
CA SER A 120 16.26 24.55 -4.61
C SER A 120 17.19 24.73 -3.40
N GLY A 121 18.20 25.60 -3.54
CA GLY A 121 19.17 25.76 -2.45
C GLY A 121 20.24 24.67 -2.40
N ASN A 122 20.76 24.43 -1.21
CA ASN A 122 22.10 23.93 -1.04
C ASN A 122 22.14 22.57 -0.49
N ALA A 123 23.22 21.86 -0.80
CA ALA A 123 23.44 20.49 -0.40
C ALA A 123 23.39 20.38 1.11
N ALA A 124 22.73 19.34 1.61
CA ALA A 124 22.52 19.16 3.03
C ALA A 124 23.87 18.97 3.73
N ALA A 125 23.93 19.38 4.99
CA ALA A 125 25.14 19.13 5.79
C ALA A 125 25.02 17.74 6.42
N SER A 126 26.11 17.21 6.97
CA SER A 126 26.10 15.96 7.74
C SER A 126 25.50 14.78 6.96
N LEU A 127 26.04 14.49 5.78
CA LEU A 127 25.53 13.39 5.00
C LEU A 127 25.85 12.06 5.63
N THR A 128 24.91 11.13 5.58
CA THR A 128 25.15 9.76 6.02
C THR A 128 25.73 8.89 4.90
N TYR A 129 25.83 9.44 3.70
CA TYR A 129 26.25 8.68 2.53
C TYR A 129 27.34 9.48 1.80
N GLN A 130 28.10 8.79 0.97
CA GLN A 130 29.08 9.44 0.14
C GLN A 130 28.87 8.92 -1.29
N VAL A 131 29.12 9.77 -2.27
CA VAL A 131 28.83 9.41 -3.67
C VAL A 131 30.16 9.43 -4.42
N GLU A 132 30.37 8.41 -5.26
N GLU A 132 30.43 8.38 -5.20
CA GLU A 132 31.59 8.33 -6.05
CA GLU A 132 31.58 8.39 -6.09
C GLU A 132 31.25 8.08 -7.53
C GLU A 132 31.11 8.20 -7.52
N ILE A 133 31.77 8.94 -8.42
CA ILE A 133 31.59 8.81 -9.86
C ILE A 133 32.89 8.26 -10.46
N SER A 134 32.72 7.27 -11.34
CA SER A 134 33.81 6.79 -12.14
CA SER A 134 33.82 6.79 -12.16
C SER A 134 33.55 7.26 -13.56
N ARG A 135 34.61 7.55 -14.31
CA ARG A 135 34.38 8.16 -15.59
C ARG A 135 34.60 7.27 -16.79
N GLN A 136 35.45 6.25 -16.68
CA GLN A 136 35.83 5.47 -17.86
C GLN A 136 35.69 3.99 -17.58
N PRO A 137 34.51 3.42 -17.79
CA PRO A 137 33.24 4.02 -18.18
C PRO A 137 32.45 4.60 -17.01
N PHE A 138 31.38 5.31 -17.28
CA PHE A 138 30.61 5.96 -16.26
C PHE A 138 30.06 4.91 -15.29
N SER A 139 30.28 5.13 -14.01
CA SER A 139 29.42 4.52 -13.01
C SER A 139 29.22 5.47 -11.82
N ILE A 140 28.14 5.22 -11.08
CA ILE A 140 27.78 5.98 -9.88
C ILE A 140 27.66 4.98 -8.74
N LYS A 141 28.18 5.39 -7.59
CA LYS A 141 28.20 4.55 -6.40
C LYS A 141 27.84 5.37 -5.17
N VAL A 142 27.00 4.83 -4.28
CA VAL A 142 26.56 5.53 -3.08
C VAL A 142 26.98 4.60 -1.98
N THR A 143 27.77 5.10 -1.03
CA THR A 143 28.18 4.19 0.08
C THR A 143 27.76 4.81 1.38
N ARG A 144 27.55 3.96 2.37
CA ARG A 144 27.21 4.43 3.72
C ARG A 144 28.50 4.91 4.38
N ARG A 145 28.53 6.14 4.85
CA ARG A 145 29.80 6.66 5.38
C ARG A 145 30.29 6.00 6.68
N SER A 146 29.36 5.57 7.56
CA SER A 146 29.76 4.99 8.85
C SER A 146 30.54 3.67 8.78
N ASN A 147 30.30 2.86 7.75
CA ASN A 147 30.96 1.56 7.69
C ASN A 147 31.46 1.23 6.28
N ASN A 148 31.39 2.22 5.38
CA ASN A 148 31.78 2.06 3.96
C ASN A 148 31.03 1.03 3.17
N ARG A 149 29.80 0.71 3.59
CA ARG A 149 29.02 -0.30 2.88
C ARG A 149 28.61 0.32 1.55
N VAL A 150 28.87 -0.37 0.45
CA VAL A 150 28.45 0.14 -0.89
C VAL A 150 26.96 -0.21 -1.07
N LEU A 151 26.13 0.80 -1.24
CA LEU A 151 24.67 0.60 -1.26
C LEU A 151 24.21 0.48 -2.71
N PHE A 152 24.42 1.56 -3.44
CA PHE A 152 24.10 1.67 -4.86
C PHE A 152 25.44 1.62 -5.58
N ASP A 153 25.58 0.78 -6.62
CA ASP A 153 26.79 0.76 -7.45
C ASP A 153 26.42 0.32 -8.86
N SER A 154 26.41 1.24 -9.78
CA SER A 154 25.93 0.91 -11.11
C SER A 154 26.98 0.21 -11.97
N SER A 155 28.22 0.08 -11.46
CA SER A 155 29.34 -0.35 -12.30
C SER A 155 29.17 -1.79 -12.80
N ILE A 156 28.18 -2.51 -12.30
CA ILE A 156 27.99 -3.94 -12.68
C ILE A 156 27.52 -4.03 -14.14
N GLY A 157 26.86 -2.98 -14.57
CA GLY A 157 26.33 -2.94 -15.91
C GLY A 157 26.49 -1.58 -16.52
N PRO A 158 26.10 -1.45 -17.78
CA PRO A 158 26.13 -0.22 -18.53
C PRO A 158 24.96 0.74 -18.16
N LEU A 159 25.10 2.03 -18.47
CA LEU A 159 23.97 2.94 -18.58
C LEU A 159 23.55 2.86 -20.05
N LEU A 160 22.26 2.60 -20.31
CA LEU A 160 21.66 2.69 -21.67
C LEU A 160 20.63 3.76 -21.67
N PHE A 161 20.68 4.61 -22.68
CA PHE A 161 19.80 5.73 -22.70
C PHE A 161 19.42 6.00 -24.15
N ALA A 162 18.45 5.25 -24.65
CA ALA A 162 17.86 5.51 -25.98
C ALA A 162 16.50 6.12 -25.75
N ASP A 163 15.90 6.71 -26.79
CA ASP A 163 14.64 7.40 -26.59
C ASP A 163 13.56 6.49 -26.02
N GLN A 164 13.60 5.22 -26.34
CA GLN A 164 12.56 4.29 -25.85
C GLN A 164 13.15 3.07 -25.19
N PHE A 165 14.33 3.21 -24.62
CA PHE A 165 14.98 2.15 -23.89
C PHE A 165 16.03 2.76 -22.97
N LEU A 166 15.74 2.72 -21.67
CA LEU A 166 16.62 3.33 -20.65
C LEU A 166 16.85 2.24 -19.64
N GLN A 167 18.11 2.03 -19.30
CA GLN A 167 18.49 0.98 -18.37
C GLN A 167 19.64 1.41 -17.48
N LEU A 168 19.50 1.12 -16.19
CA LEU A 168 20.59 1.22 -15.21
C LEU A 168 20.46 0.06 -14.25
N SER A 169 21.60 -0.45 -13.82
CA SER A 169 21.72 -1.57 -12.89
C SER A 169 22.38 -1.08 -11.60
N THR A 170 22.13 -1.78 -10.49
CA THR A 170 22.90 -1.58 -9.27
C THR A 170 23.20 -2.92 -8.56
N ARG A 171 24.43 -3.08 -8.09
CA ARG A 171 24.75 -4.14 -7.14
C ARG A 171 24.00 -3.82 -5.87
N LEU A 172 23.77 -4.85 -5.08
CA LEU A 172 23.13 -4.73 -3.77
C LEU A 172 24.03 -5.35 -2.71
N PRO A 173 23.98 -4.82 -1.45
CA PRO A 173 24.76 -5.34 -0.31
C PRO A 173 24.27 -6.66 0.27
N SER A 174 23.03 -7.05 -0.06
CA SER A 174 22.39 -8.25 0.49
C SER A 174 21.30 -8.74 -0.46
N THR A 175 20.74 -9.89 -0.12
CA THR A 175 19.55 -10.41 -0.85
C THR A 175 18.27 -10.17 -0.05
N ASN A 176 18.34 -9.34 1.00
CA ASN A 176 17.15 -9.00 1.73
C ASN A 176 16.49 -7.80 1.10
N VAL A 177 15.69 -8.05 0.05
CA VAL A 177 15.19 -7.05 -0.83
C VAL A 177 13.63 -7.20 -0.81
N TYR A 178 12.92 -6.08 -0.65
CA TYR A 178 11.47 -6.12 -0.41
C TYR A 178 10.90 -4.98 -1.21
N GLY A 179 9.76 -5.18 -1.88
CA GLY A 179 9.11 -4.05 -2.52
C GLY A 179 8.87 -4.39 -3.97
N LEU A 180 8.72 -3.35 -4.77
CA LEU A 180 8.26 -3.43 -6.18
C LEU A 180 6.79 -3.86 -6.28
N GLY A 181 6.10 -3.37 -7.27
CA GLY A 181 4.69 -3.73 -7.36
C GLY A 181 4.14 -3.09 -8.59
N GLU A 182 2.88 -3.39 -8.92
CA GLU A 182 2.06 -4.27 -8.10
C GLU A 182 2.10 -5.65 -8.73
N HIS A 183 2.49 -6.63 -7.94
CA HIS A 183 2.53 -8.02 -8.40
C HIS A 183 2.05 -8.92 -7.26
N VAL A 184 1.81 -10.20 -7.60
CA VAL A 184 1.72 -11.24 -6.62
C VAL A 184 3.08 -11.93 -6.58
N HIS A 185 3.94 -11.52 -5.65
CA HIS A 185 5.29 -12.09 -5.59
C HIS A 185 5.23 -13.49 -4.98
N GLN A 186 4.18 -13.78 -4.22
CA GLN A 186 4.04 -15.07 -3.48
C GLN A 186 4.93 -15.24 -2.27
N GLN A 187 5.94 -14.42 -2.14
CA GLN A 187 6.74 -14.39 -0.94
C GLN A 187 7.09 -12.94 -0.70
N TYR A 188 7.55 -12.60 0.49
CA TYR A 188 7.84 -11.23 0.80
C TYR A 188 9.29 -10.82 0.43
N ARG A 189 10.27 -11.58 0.91
CA ARG A 189 11.64 -11.37 0.51
C ARG A 189 11.88 -11.84 -0.93
N HIS A 190 12.49 -10.99 -1.75
CA HIS A 190 12.58 -11.30 -3.16
C HIS A 190 13.39 -12.53 -3.52
N ASP A 191 12.81 -13.34 -4.42
CA ASP A 191 13.55 -14.32 -5.20
C ASP A 191 14.52 -13.57 -6.13
N MET A 192 15.82 -13.70 -5.86
CA MET A 192 16.83 -12.97 -6.65
C MET A 192 17.39 -13.86 -7.74
N ASN A 193 16.73 -14.96 -8.05
CA ASN A 193 17.27 -15.88 -9.04
C ASN A 193 16.79 -15.62 -10.43
N TRP A 194 17.26 -14.54 -10.99
CA TRP A 194 16.96 -14.23 -12.35
C TRP A 194 15.45 -14.15 -12.39
N LYS A 195 14.89 -13.05 -11.92
CA LYS A 195 13.45 -12.83 -12.02
C LYS A 195 13.20 -11.47 -12.66
N THR A 196 12.21 -11.38 -13.55
CA THR A 196 11.85 -10.11 -14.20
C THR A 196 10.41 -9.83 -13.84
N TRP A 197 10.15 -8.59 -13.45
CA TRP A 197 8.84 -8.17 -12.99
C TRP A 197 8.44 -7.00 -13.83
N PRO A 198 7.45 -7.20 -14.70
CA PRO A 198 7.09 -6.02 -15.47
C PRO A 198 6.17 -5.11 -14.63
N ILE A 199 6.22 -3.83 -14.88
CA ILE A 199 5.36 -2.90 -14.23
C ILE A 199 4.65 -2.01 -15.29
N PHE A 200 3.31 -2.14 -15.36
CA PHE A 200 2.52 -1.41 -16.28
C PHE A 200 1.08 -1.66 -15.89
N ASN A 201 0.36 -0.61 -15.52
CA ASN A 201 -0.92 -0.79 -14.84
C ASN A 201 -1.87 -1.49 -15.81
N ARG A 202 -2.54 -2.50 -15.28
CA ARG A 202 -3.31 -3.42 -16.09
CA ARG A 202 -3.28 -3.47 -16.10
C ARG A 202 -4.29 -4.20 -15.23
N ASP A 203 -5.50 -4.28 -15.76
CA ASP A 203 -6.58 -5.01 -15.16
C ASP A 203 -6.32 -6.47 -15.48
N THR A 204 -5.77 -7.19 -14.51
CA THR A 204 -5.58 -8.62 -14.69
C THR A 204 -5.78 -9.26 -13.37
N THR A 205 -5.88 -10.58 -13.37
CA THR A 205 -6.09 -11.35 -12.16
C THR A 205 -4.82 -11.52 -11.35
N PRO A 206 -4.88 -11.22 -10.03
CA PRO A 206 -3.76 -11.46 -9.17
C PRO A 206 -3.58 -12.97 -8.88
N ASN A 207 -2.93 -13.69 -9.78
CA ASN A 207 -2.79 -15.15 -9.68
C ASN A 207 -1.31 -15.53 -9.59
N GLY A 208 -0.99 -16.80 -9.82
CA GLY A 208 0.37 -17.30 -9.76
C GLY A 208 1.28 -16.97 -10.92
N ASN A 209 0.79 -16.24 -11.93
CA ASN A 209 1.58 -16.00 -13.14
C ASN A 209 2.58 -14.88 -13.12
N GLY A 210 2.67 -14.12 -12.03
CA GLY A 210 3.75 -13.12 -11.95
C GLY A 210 3.64 -11.95 -12.91
N THR A 211 2.41 -11.58 -13.29
CA THR A 211 2.23 -10.47 -14.24
C THR A 211 2.21 -9.08 -13.57
N ASN A 212 2.40 -8.07 -14.40
CA ASN A 212 2.00 -6.70 -14.09
C ASN A 212 0.54 -6.68 -13.66
N LEU A 213 0.25 -5.98 -12.57
CA LEU A 213 -1.13 -5.84 -12.12
C LEU A 213 -1.49 -4.38 -12.14
N TYR A 214 -2.29 -3.94 -11.18
CA TYR A 214 -3.09 -2.72 -11.39
C TYR A 214 -2.32 -1.46 -11.15
N GLY A 215 -1.27 -1.57 -10.34
CA GLY A 215 -0.49 -0.42 -9.91
C GLY A 215 0.98 -0.47 -10.24
N ALA A 216 1.65 0.68 -10.11
CA ALA A 216 3.04 0.77 -10.50
C ALA A 216 3.86 1.29 -9.30
N GLN A 217 4.74 0.47 -8.74
CA GLN A 217 5.50 0.87 -7.57
C GLN A 217 6.95 0.45 -7.73
N THR A 218 7.86 1.40 -7.90
CA THR A 218 9.25 1.04 -8.14
C THR A 218 10.11 1.01 -6.85
N PHE A 219 9.56 1.41 -5.73
CA PHE A 219 10.35 1.43 -4.49
C PHE A 219 10.73 0.04 -4.05
N PHE A 220 12.00 -0.16 -3.70
CA PHE A 220 12.32 -1.30 -2.84
C PHE A 220 13.22 -0.87 -1.69
N LEU A 221 13.26 -1.74 -0.66
CA LEU A 221 13.96 -1.54 0.60
C LEU A 221 14.94 -2.75 0.72
N CYS A 222 16.15 -2.46 1.14
CA CYS A 222 17.18 -3.50 1.32
C CYS A 222 17.68 -3.46 2.76
N LEU A 223 17.52 -4.53 3.51
CA LEU A 223 18.09 -4.64 4.86
C LEU A 223 19.53 -5.15 4.66
N GLU A 224 20.49 -4.31 4.98
CA GLU A 224 21.89 -4.56 4.63
C GLU A 224 22.49 -5.67 5.51
N ASP A 225 22.16 -5.68 6.81
CA ASP A 225 22.65 -6.71 7.71
C ASP A 225 21.86 -6.69 9.02
N ALA A 226 22.19 -7.61 9.93
CA ALA A 226 21.53 -7.75 11.23
C ALA A 226 21.59 -6.53 12.14
N SER A 227 22.46 -5.57 11.90
CA SER A 227 22.43 -4.36 12.70
C SER A 227 21.17 -3.50 12.39
N GLY A 228 20.55 -3.72 11.24
CA GLY A 228 19.29 -3.05 10.94
C GLY A 228 19.47 -2.02 9.86
N LEU A 229 20.74 -1.63 9.61
CA LEU A 229 21.07 -0.59 8.64
C LEU A 229 20.42 -1.01 7.31
N SER A 230 19.71 -0.07 6.67
CA SER A 230 18.91 -0.39 5.53
C SER A 230 18.94 0.78 4.59
N PHE A 231 18.59 0.51 3.36
CA PHE A 231 18.47 1.63 2.42
C PHE A 231 17.35 1.33 1.46
N GLY A 232 16.91 2.34 0.68
CA GLY A 232 15.81 2.18 -0.26
C GLY A 232 16.19 2.88 -1.53
N VAL A 233 15.60 2.43 -2.61
CA VAL A 233 15.76 3.07 -3.92
C VAL A 233 14.36 3.26 -4.53
N PHE A 234 14.10 4.46 -5.06
CA PHE A 234 12.89 4.78 -5.75
C PHE A 234 13.25 5.36 -7.15
N LEU A 235 12.60 4.84 -8.18
CA LEU A 235 12.69 5.39 -9.53
C LEU A 235 11.41 6.17 -9.88
N MET A 236 11.54 7.47 -10.05
CA MET A 236 10.42 8.29 -10.46
C MET A 236 10.29 8.22 -12.00
N ASN A 237 9.48 7.27 -12.50
CA ASN A 237 9.36 7.04 -13.94
C ASN A 237 8.01 6.32 -14.08
N SER A 238 7.19 6.76 -15.03
CA SER A 238 5.84 6.23 -15.19
C SER A 238 5.63 5.50 -16.54
N ASN A 239 6.70 5.30 -17.30
CA ASN A 239 6.64 4.52 -18.52
C ASN A 239 6.61 3.01 -18.19
N ALA A 240 6.18 2.20 -19.16
CA ALA A 240 6.19 0.75 -18.97
C ALA A 240 7.60 0.35 -18.66
N MET A 241 7.78 -0.59 -17.74
CA MET A 241 9.12 -0.88 -17.35
C MET A 241 9.19 -2.30 -16.84
N GLU A 242 10.39 -2.82 -16.71
CA GLU A 242 10.56 -4.07 -15.99
C GLU A 242 11.78 -3.98 -15.09
N VAL A 243 11.75 -4.79 -14.03
CA VAL A 243 12.82 -4.76 -13.06
C VAL A 243 13.37 -6.16 -13.03
N VAL A 244 14.67 -6.29 -13.16
CA VAL A 244 15.29 -7.60 -13.30
C VAL A 244 16.17 -7.86 -12.11
N LEU A 245 15.91 -8.96 -11.41
CA LEU A 245 16.66 -9.32 -10.22
C LEU A 245 17.56 -10.50 -10.51
N GLN A 246 18.80 -10.42 -10.06
CA GLN A 246 19.74 -11.49 -10.26
C GLN A 246 20.61 -11.72 -9.07
N PRO A 247 21.19 -12.93 -8.96
CA PRO A 247 21.84 -13.27 -7.69
C PRO A 247 23.27 -12.76 -7.38
N ALA A 248 23.79 -11.83 -8.18
CA ALA A 248 25.04 -11.15 -7.90
C ALA A 248 25.28 -10.86 -6.42
N PRO A 249 24.31 -10.20 -5.71
CA PRO A 249 22.94 -9.71 -6.08
C PRO A 249 22.89 -8.33 -6.74
N ALA A 250 21.92 -8.13 -7.60
CA ALA A 250 21.82 -6.87 -8.32
C ALA A 250 20.39 -6.70 -8.81
N ILE A 251 20.04 -5.47 -9.10
CA ILE A 251 18.77 -5.15 -9.69
C ILE A 251 19.00 -4.22 -10.87
N THR A 252 18.22 -4.39 -11.93
CA THR A 252 18.28 -3.57 -13.11
C THR A 252 16.88 -3.03 -13.39
N TYR A 253 16.80 -1.74 -13.69
CA TYR A 253 15.57 -1.10 -14.05
C TYR A 253 15.69 -0.89 -15.57
N ARG A 254 14.64 -1.24 -16.30
CA ARG A 254 14.66 -1.14 -17.77
C ARG A 254 13.34 -0.47 -18.15
N THR A 255 13.36 0.76 -18.62
CA THR A 255 12.13 1.49 -18.96
C THR A 255 12.12 1.94 -20.42
N ILE A 256 10.92 2.20 -20.95
CA ILE A 256 10.75 2.50 -22.40
C ILE A 256 10.46 3.96 -22.68
N GLY A 257 10.62 4.78 -21.64
CA GLY A 257 10.61 6.19 -21.85
C GLY A 257 11.04 7.02 -20.66
N GLY A 258 10.85 8.34 -20.81
CA GLY A 258 11.02 9.28 -19.74
C GLY A 258 12.50 9.45 -19.46
N ILE A 259 12.83 9.60 -18.19
CA ILE A 259 14.22 9.75 -17.77
C ILE A 259 14.52 8.87 -16.57
N LEU A 260 15.79 8.78 -16.22
CA LEU A 260 16.14 7.99 -15.08
C LEU A 260 16.31 8.97 -13.93
N ASP A 261 15.29 9.02 -13.07
CA ASP A 261 15.25 9.96 -11.96
C ASP A 261 15.22 9.12 -10.67
N PHE A 262 16.37 8.98 -10.00
CA PHE A 262 16.46 8.03 -8.90
C PHE A 262 16.62 8.76 -7.59
N TYR A 263 16.08 8.15 -6.53
CA TYR A 263 16.29 8.59 -5.15
C TYR A 263 16.84 7.40 -4.35
N VAL A 264 17.81 7.68 -3.47
CA VAL A 264 18.42 6.67 -2.63
C VAL A 264 18.22 7.18 -1.20
N PHE A 265 17.74 6.31 -0.31
CA PHE A 265 17.33 6.66 1.06
C PHE A 265 18.13 5.77 2.01
N LEU A 266 18.70 6.34 3.08
CA LEU A 266 19.44 5.51 4.05
C LEU A 266 18.71 5.58 5.37
N GLY A 267 18.72 4.49 6.13
CA GLY A 267 18.26 4.62 7.50
C GLY A 267 18.92 3.63 8.41
N ASN A 268 18.70 3.82 9.71
CA ASN A 268 19.29 2.89 10.66
C ASN A 268 18.54 1.64 10.84
N THR A 269 17.30 1.63 10.38
CA THR A 269 16.41 0.48 10.51
C THR A 269 15.53 0.48 9.25
N PRO A 270 14.89 -0.66 8.94
CA PRO A 270 13.93 -0.69 7.85
C PRO A 270 12.81 0.35 7.97
N GLU A 271 12.25 0.55 9.19
CA GLU A 271 11.21 1.53 9.41
C GLU A 271 11.69 2.93 9.05
N GLN A 272 12.96 3.25 9.33
CA GLN A 272 13.52 4.51 8.91
C GLN A 272 13.63 4.74 7.39
N VAL A 273 13.96 3.71 6.66
CA VAL A 273 13.95 3.83 5.18
C VAL A 273 12.52 4.17 4.69
N VAL A 274 11.50 3.46 5.21
CA VAL A 274 10.12 3.68 4.79
C VAL A 274 9.80 5.12 5.13
N GLN A 275 10.15 5.55 6.36
CA GLN A 275 9.94 6.95 6.76
C GLN A 275 10.56 7.97 5.78
N GLU A 276 11.78 7.71 5.36
CA GLU A 276 12.49 8.58 4.39
C GLU A 276 11.80 8.60 3.02
N TYR A 277 11.44 7.42 2.54
CA TYR A 277 10.67 7.30 1.29
C TYR A 277 9.36 8.09 1.32
N LEU A 278 8.58 7.95 2.39
CA LEU A 278 7.30 8.61 2.52
C LEU A 278 7.40 10.11 2.76
N GLU A 279 8.46 10.53 3.44
CA GLU A 279 8.84 11.94 3.50
C GLU A 279 8.98 12.53 2.09
N LEU A 280 9.64 11.81 1.19
CA LEU A 280 9.71 12.26 -0.21
C LEU A 280 8.34 12.20 -0.97
N ILE A 281 7.71 11.04 -1.06
CA ILE A 281 6.58 10.92 -2.01
C ILE A 281 5.23 11.30 -1.41
N GLY A 282 5.14 11.44 -0.08
CA GLY A 282 3.88 11.73 0.57
C GLY A 282 3.46 10.65 1.53
N ARG A 283 3.25 11.04 2.80
CA ARG A 283 2.74 10.15 3.80
C ARG A 283 1.27 9.87 3.60
N PRO A 284 0.82 8.68 4.00
CA PRO A 284 -0.60 8.37 3.78
C PRO A 284 -1.57 9.22 4.51
N ALA A 285 -2.77 9.36 3.94
CA ALA A 285 -3.93 9.98 4.59
C ALA A 285 -4.22 9.26 5.88
N LEU A 286 -4.68 10.02 6.87
CA LEU A 286 -5.23 9.45 8.06
C LEU A 286 -6.68 9.01 7.74
N PRO A 287 -7.00 7.70 7.90
CA PRO A 287 -8.37 7.31 7.52
C PRO A 287 -9.44 7.82 8.44
N SER A 288 -10.68 7.84 7.96
CA SER A 288 -11.79 8.03 8.88
C SER A 288 -11.77 6.88 9.80
N TYR A 289 -12.08 7.13 11.05
CA TYR A 289 -12.07 6.03 12.01
C TYR A 289 -13.06 4.95 11.59
N TRP A 290 -14.22 5.33 11.05
CA TRP A 290 -15.17 4.27 10.59
C TRP A 290 -14.63 3.36 9.50
N ALA A 291 -13.70 3.85 8.69
CA ALA A 291 -13.16 3.08 7.59
C ALA A 291 -12.28 1.92 8.13
N LEU A 292 -11.93 1.97 9.41
CA LEU A 292 -11.17 0.90 10.06
C LEU A 292 -12.09 -0.22 10.54
N GLY A 293 -13.39 -0.03 10.49
CA GLY A 293 -14.34 -1.08 10.80
C GLY A 293 -14.40 -2.14 9.69
N PHE A 294 -15.36 -3.05 9.80
CA PHE A 294 -15.50 -4.11 8.80
C PHE A 294 -16.39 -3.65 7.68
N HIS A 295 -15.98 -4.01 6.48
CA HIS A 295 -16.67 -3.60 5.25
C HIS A 295 -17.27 -4.86 4.63
N LEU A 296 -18.51 -4.77 4.15
CA LEU A 296 -19.10 -5.92 3.41
C LEU A 296 -19.56 -5.47 2.04
N SER A 297 -19.51 -6.37 1.08
CA SER A 297 -19.72 -6.00 -0.32
C SER A 297 -19.97 -7.25 -1.16
N ARG A 298 -20.62 -7.07 -2.31
CA ARG A 298 -20.50 -8.06 -3.36
C ARG A 298 -20.83 -7.42 -4.68
N TYR A 299 -20.29 -8.02 -5.72
CA TYR A 299 -20.69 -7.71 -7.07
C TYR A 299 -22.01 -8.46 -7.35
N GLU A 300 -23.04 -7.70 -7.68
CA GLU A 300 -24.37 -8.22 -8.06
C GLU A 300 -25.17 -8.83 -6.92
N TYR A 301 -25.56 -7.97 -5.96
CA TYR A 301 -26.71 -8.31 -5.12
C TYR A 301 -27.91 -8.41 -6.06
N GLY A 302 -27.88 -7.59 -7.10
CA GLY A 302 -28.89 -7.58 -8.17
C GLY A 302 -30.03 -6.63 -7.90
N THR A 303 -30.55 -6.68 -6.68
CA THR A 303 -31.68 -5.82 -6.31
C THR A 303 -31.42 -5.26 -4.94
N LEU A 304 -32.03 -4.12 -4.64
CA LEU A 304 -31.94 -3.59 -3.30
C LEU A 304 -32.51 -4.55 -2.24
N ASP A 305 -33.60 -5.25 -2.55
CA ASP A 305 -34.16 -6.21 -1.61
C ASP A 305 -33.14 -7.26 -1.19
N ASN A 306 -32.37 -7.78 -2.16
CA ASN A 306 -31.31 -8.72 -1.86
C ASN A 306 -30.20 -8.08 -1.00
N MET A 307 -29.79 -6.86 -1.33
CA MET A 307 -28.76 -6.17 -0.57
C MET A 307 -29.24 -5.99 0.87
N ARG A 308 -30.45 -5.47 1.03
CA ARG A 308 -31.03 -5.27 2.34
C ARG A 308 -31.16 -6.57 3.11
N GLU A 309 -31.44 -7.68 2.41
CA GLU A 309 -31.53 -8.97 3.10
C GLU A 309 -30.18 -9.34 3.73
N VAL A 310 -29.08 -9.12 2.99
CA VAL A 310 -27.76 -9.46 3.50
C VAL A 310 -27.39 -8.54 4.68
N VAL A 311 -27.65 -7.25 4.53
CA VAL A 311 -27.37 -6.29 5.57
C VAL A 311 -28.06 -6.71 6.83
N GLU A 312 -29.34 -7.03 6.69
CA GLU A 312 -30.15 -7.40 7.86
C GLU A 312 -29.76 -8.69 8.55
N ARG A 313 -29.45 -9.76 7.83
CA ARG A 313 -28.95 -10.96 8.56
C ARG A 313 -27.60 -10.76 9.28
N ASN A 314 -26.72 -9.96 8.73
CA ASN A 314 -25.45 -9.67 9.40
C ASN A 314 -25.61 -8.75 10.58
N ARG A 315 -26.47 -7.73 10.51
CA ARG A 315 -26.83 -6.98 11.72
C ARG A 315 -27.52 -7.86 12.81
N ALA A 316 -28.42 -8.76 12.41
CA ALA A 316 -29.14 -9.61 13.37
C ALA A 316 -28.16 -10.56 14.07
N ALA A 317 -27.08 -10.89 13.38
CA ALA A 317 -25.98 -11.67 13.95
C ALA A 317 -25.11 -10.88 14.94
N GLN A 318 -25.31 -9.57 15.03
CA GLN A 318 -24.47 -8.69 15.86
C GLN A 318 -23.02 -8.70 15.37
N LEU A 319 -22.82 -8.75 14.07
CA LEU A 319 -21.48 -8.74 13.54
C LEU A 319 -20.98 -7.27 13.53
N PRO A 320 -19.74 -7.00 14.02
CA PRO A 320 -19.14 -5.66 13.84
C PRO A 320 -19.09 -5.38 12.35
N TYR A 321 -19.64 -4.26 11.90
CA TYR A 321 -19.98 -4.12 10.48
C TYR A 321 -20.30 -2.64 10.27
N ASP A 322 -19.34 -1.86 9.79
CA ASP A 322 -19.47 -0.41 9.70
C ASP A 322 -19.92 0.03 8.35
N VAL A 323 -19.53 -0.74 7.34
CA VAL A 323 -19.59 -0.23 5.99
C VAL A 323 -20.17 -1.24 5.01
N GLN A 324 -21.13 -0.74 4.21
CA GLN A 324 -21.68 -1.49 3.13
C GLN A 324 -21.28 -0.85 1.80
N HIS A 325 -20.74 -1.64 0.89
CA HIS A 325 -20.38 -1.13 -0.41
C HIS A 325 -21.47 -1.53 -1.42
N ALA A 326 -21.65 -0.69 -2.40
CA ALA A 326 -22.59 -0.94 -3.47
C ALA A 326 -21.79 -0.95 -4.74
N ASP A 327 -21.87 -2.07 -5.46
CA ASP A 327 -21.11 -2.27 -6.69
C ASP A 327 -22.02 -1.87 -7.87
N ILE A 328 -21.59 -2.13 -9.10
CA ILE A 328 -22.19 -1.51 -10.29
C ILE A 328 -23.66 -1.91 -10.51
N ASP A 329 -24.09 -2.98 -9.84
CA ASP A 329 -25.53 -3.33 -9.84
C ASP A 329 -26.50 -2.23 -9.37
N TYR A 330 -26.03 -1.27 -8.55
CA TYR A 330 -26.91 -0.21 -8.07
C TYR A 330 -27.29 0.76 -9.18
N MET A 331 -26.45 0.85 -10.20
CA MET A 331 -26.56 1.84 -11.26
C MET A 331 -27.69 1.53 -12.27
N ASP A 332 -28.11 2.53 -13.04
CA ASP A 332 -29.04 2.26 -14.12
C ASP A 332 -28.27 1.82 -15.36
N GLU A 333 -28.29 0.51 -15.64
CA GLU A 333 -27.54 -0.09 -16.76
C GLU A 333 -26.01 0.21 -16.67
N ARG A 334 -25.46 0.13 -15.45
CA ARG A 334 -24.03 0.25 -15.18
C ARG A 334 -23.50 1.60 -15.60
N ARG A 335 -24.33 2.64 -15.50
CA ARG A 335 -23.90 4.01 -15.79
C ARG A 335 -23.65 4.82 -14.52
N ASP A 336 -22.49 5.51 -14.44
CA ASP A 336 -22.13 6.29 -13.24
C ASP A 336 -23.22 7.30 -12.95
N PHE A 337 -23.45 7.60 -11.66
CA PHE A 337 -24.25 8.74 -11.25
C PHE A 337 -25.74 8.53 -11.57
N THR A 338 -26.16 7.28 -11.48
CA THR A 338 -27.55 6.92 -11.62
C THR A 338 -27.75 5.76 -10.68
N TYR A 339 -28.99 5.53 -10.26
CA TYR A 339 -29.33 4.24 -9.72
C TYR A 339 -30.54 3.65 -10.46
N ASP A 340 -30.66 2.34 -10.40
CA ASP A 340 -31.72 1.58 -11.06
C ASP A 340 -33.03 1.79 -10.30
N SER A 341 -33.93 2.58 -10.86
CA SER A 341 -35.19 2.92 -10.21
C SER A 341 -36.17 1.77 -10.04
N VAL A 342 -35.97 0.67 -10.75
CA VAL A 342 -36.76 -0.55 -10.47
C VAL A 342 -36.03 -1.47 -9.50
N ASP A 343 -34.86 -1.98 -9.86
CA ASP A 343 -34.24 -2.98 -8.98
C ASP A 343 -33.70 -2.33 -7.71
N PHE A 344 -33.35 -1.06 -7.81
CA PHE A 344 -32.88 -0.30 -6.63
C PHE A 344 -33.85 0.78 -6.21
N LYS A 345 -35.14 0.50 -6.40
CA LYS A 345 -36.15 1.45 -6.02
C LYS A 345 -36.09 1.58 -4.50
N GLY A 346 -36.10 2.80 -4.01
CA GLY A 346 -35.99 3.01 -2.56
C GLY A 346 -34.55 3.11 -2.09
N PHE A 347 -33.63 3.29 -3.03
CA PHE A 347 -32.20 3.36 -2.67
C PHE A 347 -31.98 4.47 -1.60
N PRO A 348 -32.52 5.70 -1.81
CA PRO A 348 -32.34 6.72 -0.75
C PRO A 348 -32.83 6.35 0.63
N GLU A 349 -33.99 5.67 0.75
CA GLU A 349 -34.52 5.21 2.07
C GLU A 349 -33.58 4.21 2.74
N PHE A 350 -33.05 3.29 1.94
CA PHE A 350 -32.07 2.29 2.45
C PHE A 350 -30.81 2.98 3.06
N VAL A 351 -30.35 4.00 2.39
CA VAL A 351 -29.20 4.73 2.85
C VAL A 351 -29.53 5.44 4.15
N ASN A 352 -30.73 6.02 4.28
CA ASN A 352 -31.16 6.52 5.59
C ASN A 352 -31.12 5.43 6.65
N GLU A 353 -31.59 4.23 6.31
CA GLU A 353 -31.57 3.09 7.26
C GLU A 353 -30.13 2.70 7.67
N LEU A 354 -29.23 2.55 6.71
CA LEU A 354 -27.79 2.42 7.07
C LEU A 354 -27.34 3.51 8.06
N HIS A 355 -27.54 4.78 7.72
CA HIS A 355 -27.11 5.88 8.59
C HIS A 355 -27.73 5.80 9.96
N ASN A 356 -29.01 5.46 10.03
CA ASN A 356 -29.71 5.35 11.28
CA ASN A 356 -29.69 5.36 11.30
C ASN A 356 -29.13 4.24 12.16
N ASN A 357 -28.56 3.24 11.52
CA ASN A 357 -27.94 2.14 12.29
C ASN A 357 -26.43 2.37 12.52
N GLY A 358 -25.97 3.56 12.22
CA GLY A 358 -24.57 3.94 12.46
C GLY A 358 -23.59 3.44 11.43
N GLN A 359 -24.11 3.09 10.25
CA GLN A 359 -23.27 2.49 9.19
C GLN A 359 -23.12 3.47 8.06
N LYS A 360 -22.30 3.11 7.07
CA LYS A 360 -21.79 4.03 6.08
C LYS A 360 -22.02 3.33 4.76
N LEU A 361 -22.19 4.11 3.71
CA LEU A 361 -22.33 3.54 2.36
C LEU A 361 -21.20 4.02 1.50
N VAL A 362 -20.50 3.06 0.89
CA VAL A 362 -19.51 3.35 -0.10
C VAL A 362 -20.01 2.85 -1.46
N ILE A 363 -19.94 3.71 -2.47
CA ILE A 363 -20.45 3.39 -3.82
C ILE A 363 -19.29 3.32 -4.75
N ILE A 364 -19.38 2.41 -5.74
CA ILE A 364 -18.35 2.26 -6.73
C ILE A 364 -18.62 3.32 -7.76
N VAL A 365 -17.54 3.84 -8.34
CA VAL A 365 -17.65 4.78 -9.47
C VAL A 365 -16.55 4.41 -10.43
N ASP A 366 -16.88 4.17 -11.68
CA ASP A 366 -15.85 3.89 -12.67
C ASP A 366 -15.45 5.16 -13.39
N PRO A 367 -14.26 5.18 -13.98
CA PRO A 367 -13.96 6.40 -14.69
C PRO A 367 -14.72 6.53 -16.04
N ALA A 368 -14.93 5.44 -16.78
CA ALA A 368 -15.51 5.57 -18.14
C ALA A 368 -17.01 5.97 -18.13
N ILE A 369 -17.36 6.88 -19.03
CA ILE A 369 -18.68 7.52 -19.04
C ILE A 369 -19.40 7.10 -20.38
N SER A 370 -20.57 6.51 -20.27
CA SER A 370 -21.37 6.18 -21.50
C SER A 370 -21.49 7.41 -22.45
N ASN A 371 -21.20 7.23 -23.74
CA ASN A 371 -21.41 8.33 -24.71
C ASN A 371 -22.80 8.27 -25.39
N ASN A 372 -23.73 7.54 -24.80
CA ASN A 372 -25.06 7.35 -25.32
C ASN A 372 -26.01 8.34 -24.71
N SER A 373 -26.20 9.43 -25.42
CA SER A 373 -27.03 10.53 -24.96
C SER A 373 -27.77 11.15 -26.16
N SER A 374 -29.07 11.40 -26.02
CA SER A 374 -29.86 12.06 -27.04
C SER A 374 -30.81 13.04 -26.36
N SER A 375 -31.52 13.83 -27.17
CA SER A 375 -32.51 14.80 -26.66
C SER A 375 -33.69 14.03 -26.03
N SER A 376 -34.00 12.88 -26.64
CA SER A 376 -34.99 11.95 -26.12
C SER A 376 -34.60 11.49 -24.71
N LYS A 377 -33.47 10.79 -24.62
CA LYS A 377 -32.96 10.31 -23.33
C LYS A 377 -31.52 10.82 -23.07
N PRO A 378 -31.40 11.98 -22.40
CA PRO A 378 -30.08 12.55 -22.18
C PRO A 378 -29.37 11.81 -21.05
N TYR A 379 -28.04 11.78 -21.11
CA TYR A 379 -27.24 11.29 -20.00
C TYR A 379 -26.35 12.46 -19.57
N GLY A 380 -26.74 13.08 -18.45
CA GLY A 380 -26.14 14.34 -17.99
C GLY A 380 -24.61 14.38 -17.86
N PRO A 381 -24.01 13.35 -17.19
CA PRO A 381 -22.52 13.31 -17.08
C PRO A 381 -21.78 13.38 -18.41
N TYR A 382 -22.26 12.65 -19.42
CA TYR A 382 -21.66 12.77 -20.75
C TYR A 382 -21.87 14.17 -21.31
N ASP A 383 -23.09 14.67 -21.20
CA ASP A 383 -23.40 15.97 -21.78
C ASP A 383 -22.56 17.04 -21.12
N ARG A 384 -22.53 17.05 -19.79
CA ARG A 384 -21.71 18.02 -19.03
C ARG A 384 -20.22 17.89 -19.29
N GLY A 385 -19.72 16.67 -19.45
CA GLY A 385 -18.30 16.47 -19.70
C GLY A 385 -17.93 16.93 -21.08
N SER A 386 -18.86 16.72 -22.01
CA SER A 386 -18.59 17.11 -23.40
C SER A 386 -18.61 18.62 -23.55
N ASP A 387 -19.52 19.29 -22.85
CA ASP A 387 -19.54 20.74 -22.83
C ASP A 387 -18.22 21.29 -22.27
N MET A 388 -17.65 20.59 -21.28
CA MET A 388 -16.41 21.04 -20.64
C MET A 388 -15.17 20.60 -21.37
N LYS A 389 -15.36 19.69 -22.32
CA LYS A 389 -14.29 19.14 -23.20
C LYS A 389 -13.14 18.48 -22.41
N ILE A 390 -13.53 17.63 -21.45
CA ILE A 390 -12.60 17.06 -20.47
C ILE A 390 -12.26 15.58 -20.67
N TRP A 391 -12.56 15.06 -21.87
CA TRP A 391 -12.28 13.65 -22.21
C TRP A 391 -10.83 13.46 -22.65
N VAL A 392 -10.32 12.24 -22.53
CA VAL A 392 -9.10 11.87 -23.20
C VAL A 392 -9.42 11.87 -24.72
N ASN A 393 -8.48 12.41 -25.51
CA ASN A 393 -8.60 12.47 -26.98
C ASN A 393 -7.75 11.46 -27.70
N SER A 394 -8.23 11.02 -28.87
CA SER A 394 -7.45 10.26 -29.84
C SER A 394 -6.19 11.01 -30.22
N SER A 395 -5.32 10.36 -31.01
CA SER A 395 -4.04 10.96 -31.38
C SER A 395 -4.18 12.28 -32.16
N ASP A 396 -5.33 12.51 -32.80
CA ASP A 396 -5.59 13.79 -33.49
C ASP A 396 -5.64 14.97 -32.54
N GLY A 397 -5.68 14.70 -31.24
CA GLY A 397 -5.69 15.75 -30.25
C GLY A 397 -7.03 16.40 -30.00
N VAL A 398 -8.05 16.17 -30.82
CA VAL A 398 -9.35 16.88 -30.70
C VAL A 398 -10.63 16.02 -30.61
N THR A 399 -10.56 14.75 -30.97
CA THR A 399 -11.74 13.89 -30.92
C THR A 399 -11.61 13.00 -29.70
N PRO A 400 -12.59 13.05 -28.79
CA PRO A 400 -12.53 12.14 -27.62
C PRO A 400 -12.38 10.69 -28.04
N LEU A 401 -11.47 9.98 -27.36
CA LEU A 401 -11.25 8.58 -27.64
C LEU A 401 -12.42 7.71 -27.19
N ILE A 402 -12.82 6.76 -28.03
CA ILE A 402 -13.98 5.89 -27.68
C ILE A 402 -13.51 4.49 -27.35
N GLY A 403 -13.90 3.97 -26.20
CA GLY A 403 -13.63 2.60 -25.86
C GLY A 403 -14.90 1.96 -25.34
N GLU A 404 -14.76 0.90 -24.57
CA GLU A 404 -15.92 0.19 -24.09
C GLU A 404 -15.69 -0.34 -22.68
N VAL A 405 -16.61 -0.09 -21.77
CA VAL A 405 -16.50 -0.63 -20.43
C VAL A 405 -17.87 -1.10 -19.99
N TRP A 406 -18.25 -0.94 -18.74
CA TRP A 406 -19.45 -1.63 -18.25
C TRP A 406 -20.72 -1.18 -18.95
N PRO A 407 -20.88 0.14 -19.20
CA PRO A 407 -22.16 0.47 -19.80
C PRO A 407 -22.21 0.34 -21.33
N GLY A 408 -21.13 -0.12 -22.00
CA GLY A 408 -21.05 -0.11 -23.48
C GLY A 408 -20.02 0.90 -23.95
N GLN A 409 -20.23 1.53 -25.12
CA GLN A 409 -19.30 2.58 -25.61
C GLN A 409 -19.18 3.72 -24.62
N THR A 410 -17.97 4.21 -24.47
CA THR A 410 -17.71 5.16 -23.42
C THR A 410 -16.63 6.09 -23.86
N VAL A 411 -16.58 7.23 -23.23
CA VAL A 411 -15.40 8.10 -23.31
C VAL A 411 -14.75 8.12 -21.90
N PHE A 412 -13.53 8.64 -21.84
CA PHE A 412 -12.76 8.60 -20.62
C PHE A 412 -12.36 10.00 -20.17
N PRO A 413 -12.64 10.33 -18.90
CA PRO A 413 -12.24 11.63 -18.37
C PRO A 413 -10.69 11.77 -18.30
N ASP A 414 -10.21 12.98 -18.57
CA ASP A 414 -8.81 13.26 -18.49
C ASP A 414 -8.61 13.93 -17.14
N TYR A 415 -8.31 13.13 -16.13
CA TYR A 415 -8.20 13.66 -14.78
C TYR A 415 -6.92 14.51 -14.57
N THR A 416 -5.99 14.51 -15.53
CA THR A 416 -4.81 15.38 -15.48
C THR A 416 -5.16 16.85 -15.81
N ASN A 417 -6.37 17.06 -16.36
CA ASN A 417 -6.86 18.39 -16.70
C ASN A 417 -7.56 18.96 -15.47
N PRO A 418 -7.10 20.12 -14.95
CA PRO A 418 -7.71 20.72 -13.75
C PRO A 418 -9.23 20.91 -13.81
N ASN A 419 -9.74 21.24 -15.00
CA ASN A 419 -11.19 21.34 -15.20
C ASN A 419 -11.93 20.01 -15.14
N CYS A 420 -11.22 18.90 -15.29
CA CYS A 420 -11.88 17.59 -15.16
C CYS A 420 -12.30 17.35 -13.71
N ALA A 421 -11.46 17.75 -12.75
CA ALA A 421 -11.83 17.68 -11.33
C ALA A 421 -13.04 18.55 -10.99
N VAL A 422 -13.20 19.68 -11.67
CA VAL A 422 -14.42 20.52 -11.49
C VAL A 422 -15.67 19.84 -12.11
N TRP A 423 -15.53 19.29 -13.31
CA TRP A 423 -16.61 18.44 -13.86
C TRP A 423 -16.95 17.25 -12.89
N TRP A 424 -15.91 16.52 -12.49
CA TRP A 424 -16.07 15.37 -11.60
C TRP A 424 -16.73 15.71 -10.28
N THR A 425 -16.29 16.81 -9.66
CA THR A 425 -16.88 17.26 -8.41
C THR A 425 -18.41 17.53 -8.51
N LYS A 426 -18.76 18.27 -9.56
CA LYS A 426 -20.18 18.53 -9.86
C LYS A 426 -21.00 17.27 -10.08
N GLU A 427 -20.41 16.25 -10.72
CA GLU A 427 -21.13 14.94 -10.89
C GLU A 427 -21.45 14.31 -9.53
N PHE A 428 -20.50 14.37 -8.62
CA PHE A 428 -20.70 13.81 -7.29
C PHE A 428 -21.66 14.60 -6.45
N GLU A 429 -21.55 15.93 -6.47
CA GLU A 429 -22.50 16.76 -5.74
C GLU A 429 -23.95 16.53 -6.22
N LEU A 430 -24.16 16.47 -7.54
CA LEU A 430 -25.46 16.07 -8.09
C LEU A 430 -25.93 14.70 -7.63
N PHE A 431 -25.06 13.69 -7.66
CA PHE A 431 -25.52 12.37 -7.34
C PHE A 431 -25.74 12.25 -5.85
N HIS A 432 -24.90 12.92 -5.05
CA HIS A 432 -24.99 12.88 -3.59
C HIS A 432 -26.30 13.42 -3.01
N ASN A 433 -26.86 14.40 -3.69
CA ASN A 433 -28.19 14.93 -3.39
C ASN A 433 -29.27 13.88 -3.51
N GLN A 434 -29.09 12.93 -4.42
CA GLN A 434 -30.04 11.80 -4.50
C GLN A 434 -29.70 10.64 -3.56
N VAL A 435 -28.41 10.27 -3.51
CA VAL A 435 -27.93 9.14 -2.68
C VAL A 435 -26.82 9.70 -1.78
N GLU A 436 -27.03 9.69 -0.47
CA GLU A 436 -26.08 10.28 0.45
C GLU A 436 -25.01 9.25 0.79
N PHE A 437 -24.18 8.89 -0.19
CA PHE A 437 -23.04 7.98 0.09
C PHE A 437 -22.01 8.66 1.01
N ASP A 438 -21.16 7.84 1.65
CA ASP A 438 -20.15 8.33 2.61
C ASP A 438 -18.72 8.29 2.12
N GLY A 439 -18.48 7.51 1.07
CA GLY A 439 -17.14 7.38 0.51
C GLY A 439 -17.25 6.76 -0.85
N ILE A 440 -16.12 6.64 -1.53
CA ILE A 440 -16.13 6.33 -2.94
C ILE A 440 -15.10 5.25 -3.22
N TRP A 441 -15.51 4.24 -3.96
CA TRP A 441 -14.63 3.22 -4.45
C TRP A 441 -14.39 3.41 -5.99
N ILE A 442 -13.17 3.76 -6.38
CA ILE A 442 -12.82 4.04 -7.78
C ILE A 442 -12.16 2.78 -8.32
N ASP A 443 -12.78 2.25 -9.38
CA ASP A 443 -12.39 0.99 -9.94
C ASP A 443 -12.13 1.20 -11.43
N MET A 444 -11.56 0.18 -12.07
CA MET A 444 -11.29 0.11 -13.53
C MET A 444 -10.40 1.25 -13.98
N ASN A 445 -9.57 1.76 -13.07
CA ASN A 445 -8.83 2.99 -13.37
C ASN A 445 -7.38 2.80 -13.77
N GLU A 446 -7.07 1.68 -14.42
CA GLU A 446 -5.74 1.41 -14.99
C GLU A 446 -5.24 2.31 -16.14
N VAL A 447 -6.05 2.75 -17.10
CA VAL A 447 -7.50 2.61 -17.21
C VAL A 447 -7.87 1.33 -18.00
N SER A 448 -8.96 0.69 -17.60
CA SER A 448 -9.26 -0.65 -18.05
C SER A 448 -10.27 -0.47 -19.18
N ASN A 449 -10.03 -1.15 -20.31
CA ASN A 449 -10.84 -0.97 -21.53
C ASN A 449 -11.22 -2.37 -22.00
N PHE A 450 -12.48 -2.58 -22.36
CA PHE A 450 -12.86 -3.92 -22.81
C PHE A 450 -12.45 -4.15 -24.29
N VAL A 451 -12.11 -3.09 -25.01
CA VAL A 451 -11.47 -3.22 -26.34
C VAL A 451 -9.98 -2.84 -26.21
N ASP A 452 -9.16 -3.30 -27.14
CA ASP A 452 -7.75 -2.95 -27.11
C ASP A 452 -7.55 -1.60 -27.74
N GLY A 453 -7.20 -0.60 -26.95
CA GLY A 453 -6.86 0.71 -27.50
C GLY A 453 -8.05 1.62 -27.66
N SER A 454 -8.92 1.29 -28.62
CA SER A 454 -10.18 2.02 -28.79
C SER A 454 -11.09 1.15 -29.64
N VAL A 455 -12.31 1.64 -29.89
CA VAL A 455 -13.28 0.87 -30.72
C VAL A 455 -12.76 0.71 -32.16
N SER A 456 -11.89 1.62 -32.60
CA SER A 456 -11.24 1.45 -33.89
C SER A 456 -9.81 0.89 -33.84
N GLY A 457 -9.41 0.32 -32.71
CA GLY A 457 -8.06 -0.17 -32.54
C GLY A 457 -7.05 0.97 -32.45
N CYS A 458 -5.81 0.66 -32.78
CA CYS A 458 -4.69 1.57 -32.61
C CYS A 458 -3.88 1.63 -33.89
N SER A 459 -3.39 2.81 -34.25
CA SER A 459 -2.48 2.93 -35.40
C SER A 459 -1.16 2.26 -35.07
N THR A 460 -0.46 1.78 -36.10
CA THR A 460 0.88 1.23 -35.95
C THR A 460 1.80 2.44 -35.92
N ASN A 461 2.51 2.61 -34.81
CA ASN A 461 3.50 3.69 -34.66
C ASN A 461 4.41 3.32 -33.48
N ASN A 462 5.47 4.10 -33.28
CA ASN A 462 6.49 3.78 -32.28
C ASN A 462 5.95 3.82 -30.81
N LEU A 463 4.77 4.39 -30.59
CA LEU A 463 4.15 4.44 -29.28
C LEU A 463 3.30 3.20 -28.99
N ASN A 464 2.38 2.88 -29.92
CA ASN A 464 1.59 1.67 -29.80
C ASN A 464 2.39 0.41 -29.96
N ASN A 465 3.46 0.51 -30.76
CA ASN A 465 4.32 -0.62 -31.12
C ASN A 465 5.79 -0.23 -30.95
N PRO A 466 6.25 -0.10 -29.69
CA PRO A 466 7.61 0.40 -29.45
C PRO A 466 8.71 -0.61 -29.82
N PRO A 467 9.98 -0.14 -29.94
CA PRO A 467 11.18 -0.95 -30.21
C PRO A 467 11.38 -2.12 -29.25
N PHE A 468 11.14 -1.87 -27.95
CA PHE A 468 11.21 -2.88 -26.90
C PHE A 468 9.89 -2.84 -26.09
N THR A 469 9.32 -4.01 -25.78
CA THR A 469 8.13 -4.08 -24.92
C THR A 469 8.56 -4.94 -23.75
N PRO A 470 8.41 -4.44 -22.50
CA PRO A 470 8.68 -5.26 -21.37
C PRO A 470 7.68 -6.42 -21.39
N ARG A 471 7.92 -7.41 -20.54
CA ARG A 471 7.18 -8.64 -20.54
C ARG A 471 5.80 -8.55 -19.88
N ILE A 472 5.07 -7.52 -20.26
CA ILE A 472 3.72 -7.28 -19.75
C ILE A 472 2.73 -8.33 -20.31
N LEU A 473 1.69 -8.60 -19.55
CA LEU A 473 0.66 -9.55 -19.95
C LEU A 473 0.12 -9.24 -21.34
N ASP A 474 0.12 -10.26 -22.22
CA ASP A 474 -0.35 -10.16 -23.63
C ASP A 474 0.61 -9.49 -24.60
N GLY A 475 1.67 -8.86 -24.11
CA GLY A 475 2.74 -8.44 -25.00
C GLY A 475 2.50 -7.22 -25.86
N TYR A 476 1.41 -6.51 -25.65
CA TYR A 476 1.24 -5.23 -26.30
CA TYR A 476 1.08 -5.25 -26.36
C TYR A 476 0.69 -4.22 -25.32
N LEU A 477 1.16 -2.99 -25.45
CA LEU A 477 0.90 -1.93 -24.46
C LEU A 477 -0.57 -1.55 -24.38
N PHE A 478 -1.24 -1.49 -25.52
CA PHE A 478 -2.64 -1.05 -25.52
C PHE A 478 -3.65 -2.16 -25.23
N CYS A 479 -3.19 -3.36 -24.88
CA CYS A 479 -4.07 -4.49 -24.54
CA CYS A 479 -4.11 -4.43 -24.57
C CYS A 479 -4.98 -4.16 -23.34
N LYS A 480 -6.31 -4.15 -23.57
CA LYS A 480 -7.30 -3.83 -22.52
C LYS A 480 -7.11 -2.46 -21.83
N THR A 481 -6.59 -1.50 -22.60
CA THR A 481 -6.46 -0.12 -22.13
C THR A 481 -6.53 0.87 -23.31
N LEU A 482 -6.07 2.10 -23.11
CA LEU A 482 -6.13 3.12 -24.13
C LEU A 482 -4.98 3.06 -25.12
N CYS A 483 -5.22 3.59 -26.33
CA CYS A 483 -4.14 3.77 -27.31
C CYS A 483 -3.00 4.54 -26.63
N MET A 484 -1.77 4.15 -26.93
CA MET A 484 -0.60 4.79 -26.34
C MET A 484 -0.40 6.21 -26.89
N ASP A 485 -1.05 6.51 -28.00
CA ASP A 485 -0.95 7.84 -28.61
C ASP A 485 -2.15 8.70 -28.27
N ALA A 486 -3.05 8.18 -27.45
CA ALA A 486 -4.09 9.00 -26.83
C ALA A 486 -3.48 10.17 -26.06
N VAL A 487 -4.23 11.26 -25.94
CA VAL A 487 -3.68 12.52 -25.48
C VAL A 487 -4.44 13.06 -24.31
N GLN A 488 -3.69 13.47 -23.29
CA GLN A 488 -4.24 14.07 -22.10
C GLN A 488 -3.48 15.36 -21.80
N HIS A 489 -3.99 16.14 -20.89
CA HIS A 489 -3.30 17.37 -20.49
C HIS A 489 -1.80 17.19 -20.08
N TRP A 490 -1.49 16.13 -19.32
CA TRP A 490 -0.07 15.83 -18.94
C TRP A 490 0.78 15.20 -19.99
N GLY A 491 0.16 14.64 -21.03
CA GLY A 491 0.91 14.15 -22.16
C GLY A 491 0.28 12.93 -22.81
N LYS A 492 1.08 12.20 -23.56
CA LYS A 492 0.57 11.06 -24.28
C LYS A 492 0.45 9.89 -23.33
N GLN A 493 -0.54 9.04 -23.62
CA GLN A 493 -0.78 7.84 -22.85
C GLN A 493 0.49 7.02 -22.62
N TYR A 494 1.34 6.93 -23.62
CA TYR A 494 2.58 6.18 -23.51
C TYR A 494 3.39 6.60 -22.26
N ASP A 495 3.37 7.90 -21.96
CA ASP A 495 4.15 8.41 -20.80
C ASP A 495 3.31 8.41 -19.53
N ILE A 496 2.00 8.60 -19.64
CA ILE A 496 1.21 8.82 -18.44
C ILE A 496 0.22 7.71 -18.06
N HIS A 497 0.23 6.62 -18.83
CA HIS A 497 -0.67 5.47 -18.54
C HIS A 497 -0.66 5.10 -17.02
N ASN A 498 0.53 4.97 -16.47
CA ASN A 498 0.69 4.51 -15.04
C ASN A 498 0.20 5.50 -14.01
N LEU A 499 -0.18 6.68 -14.48
CA LEU A 499 -0.58 7.81 -13.68
C LEU A 499 -2.08 8.06 -13.74
N TYR A 500 -2.83 7.24 -14.50
CA TYR A 500 -4.26 7.52 -14.69
C TYR A 500 -4.99 7.37 -13.35
N GLY A 501 -4.82 6.23 -12.67
CA GLY A 501 -5.52 5.99 -11.40
C GLY A 501 -5.07 6.96 -10.30
N TYR A 502 -3.76 7.29 -10.31
CA TYR A 502 -3.19 8.28 -9.42
C TYR A 502 -3.93 9.64 -9.59
N SER A 503 -4.05 10.10 -10.84
CA SER A 503 -4.73 11.40 -11.11
C SER A 503 -6.20 11.31 -10.79
N MET A 504 -6.81 10.14 -11.04
CA MET A 504 -8.19 9.95 -10.63
C MET A 504 -8.35 10.05 -9.11
N ALA A 505 -7.41 9.49 -8.35
CA ALA A 505 -7.50 9.62 -6.87
C ALA A 505 -7.33 11.07 -6.41
N VAL A 506 -6.37 11.80 -6.97
CA VAL A 506 -6.17 13.22 -6.68
C VAL A 506 -7.46 14.02 -6.95
N ALA A 507 -8.05 13.84 -8.14
CA ALA A 507 -9.34 14.43 -8.53
C ALA A 507 -10.46 14.01 -7.62
N THR A 508 -10.55 12.74 -7.24
CA THR A 508 -11.61 12.31 -6.35
C THR A 508 -11.49 12.92 -4.95
N ALA A 509 -10.26 13.00 -4.45
CA ALA A 509 -9.95 13.69 -3.20
C ALA A 509 -10.34 15.14 -3.32
N GLU A 510 -10.09 15.73 -4.49
CA GLU A 510 -10.51 17.13 -4.74
C GLU A 510 -12.04 17.29 -4.67
N ALA A 511 -12.79 16.37 -5.31
CA ALA A 511 -14.25 16.31 -5.24
C ALA A 511 -14.76 16.24 -3.81
N ALA A 512 -14.07 15.44 -2.97
CA ALA A 512 -14.47 15.25 -1.59
C ALA A 512 -14.37 16.55 -0.77
N LYS A 513 -13.57 17.52 -1.21
CA LYS A 513 -13.51 18.79 -0.48
C LYS A 513 -14.87 19.51 -0.54
N THR A 514 -15.58 19.34 -1.66
CA THR A 514 -16.93 19.94 -1.85
C THR A 514 -18.02 19.02 -1.29
N VAL A 515 -17.91 17.73 -1.58
CA VAL A 515 -19.01 16.83 -1.29
C VAL A 515 -19.06 16.53 0.21
N PHE A 516 -17.89 16.45 0.85
CA PHE A 516 -17.83 16.13 2.29
C PHE A 516 -16.99 17.20 3.00
N PRO A 517 -17.52 18.44 3.13
CA PRO A 517 -16.60 19.50 3.51
C PRO A 517 -15.99 19.29 4.89
N ASN A 518 -14.68 19.41 4.94
CA ASN A 518 -13.87 19.24 6.14
C ASN A 518 -13.72 17.79 6.62
N LYS A 519 -14.16 16.82 5.83
CA LYS A 519 -14.17 15.42 6.28
C LYS A 519 -13.17 14.63 5.48
N ARG A 520 -12.66 13.57 6.09
CA ARG A 520 -11.77 12.68 5.36
C ARG A 520 -12.55 11.83 4.38
N SER A 521 -13.79 11.45 4.73
CA SER A 521 -14.55 10.50 3.91
C SER A 521 -13.66 9.22 3.72
N PHE A 522 -13.72 8.59 2.53
CA PHE A 522 -12.93 7.37 2.29
C PHE A 522 -12.86 7.17 0.82
N ILE A 523 -11.66 6.99 0.27
CA ILE A 523 -11.51 6.65 -1.16
C ILE A 523 -10.75 5.35 -1.23
N LEU A 524 -11.25 4.41 -2.00
CA LEU A 524 -10.57 3.11 -2.21
C LEU A 524 -10.28 3.01 -3.67
N THR A 525 -9.04 2.72 -4.07
CA THR A 525 -8.70 2.74 -5.49
C THR A 525 -8.08 1.41 -5.88
N ARG A 526 -8.28 1.03 -7.13
CA ARG A 526 -7.61 -0.12 -7.68
C ARG A 526 -6.24 0.23 -8.21
N SER A 527 -6.15 1.13 -9.17
CA SER A 527 -4.85 1.42 -9.72
C SER A 527 -4.10 2.47 -8.86
N THR A 528 -2.79 2.30 -8.69
CA THR A 528 -1.96 3.20 -7.83
C THR A 528 -0.67 3.56 -8.57
N PHE A 529 -0.04 4.69 -8.15
CA PHE A 529 1.30 5.05 -8.47
C PHE A 529 1.94 5.43 -7.13
N ALA A 530 3.24 5.59 -7.09
CA ALA A 530 3.98 6.12 -5.92
C ALA A 530 3.33 7.39 -5.41
N GLY A 531 2.91 7.37 -4.16
CA GLY A 531 2.24 8.53 -3.65
C GLY A 531 0.73 8.41 -3.51
N SER A 532 0.12 7.37 -4.09
CA SER A 532 -1.35 7.24 -4.07
C SER A 532 -1.93 7.17 -2.68
N GLY A 533 -1.14 6.65 -1.73
CA GLY A 533 -1.62 6.53 -0.32
C GLY A 533 -1.97 7.85 0.34
N LYS A 534 -1.50 8.96 -0.22
CA LYS A 534 -1.83 10.26 0.35
C LYS A 534 -3.33 10.55 0.17
N PHE A 535 -3.96 9.88 -0.79
CA PHE A 535 -5.35 10.11 -1.16
C PHE A 535 -6.30 8.94 -0.94
N ALA A 536 -5.80 7.72 -0.95
CA ALA A 536 -6.69 6.58 -1.08
C ALA A 536 -6.16 5.32 -0.39
N ALA A 537 -7.08 4.49 0.10
CA ALA A 537 -6.86 3.06 0.38
C ALA A 537 -6.74 2.23 -0.90
N HIS A 538 -6.27 0.98 -0.78
CA HIS A 538 -6.11 0.13 -1.98
C HIS A 538 -6.65 -1.23 -1.65
N TRP A 539 -7.23 -1.90 -2.61
CA TRP A 539 -7.48 -3.31 -2.36
C TRP A 539 -6.80 -4.14 -3.40
N LEU A 540 -6.44 -5.36 -3.00
CA LEU A 540 -5.53 -6.15 -3.80
C LEU A 540 -6.18 -6.75 -5.07
N GLY A 541 -7.46 -6.48 -5.29
CA GLY A 541 -8.12 -6.78 -6.55
C GLY A 541 -8.93 -8.06 -6.53
N ASP A 542 -9.13 -8.58 -7.73
CA ASP A 542 -10.05 -9.70 -8.01
C ASP A 542 -9.32 -11.03 -7.79
N ASN A 543 -9.19 -11.40 -6.54
CA ASN A 543 -8.53 -12.63 -6.18
C ASN A 543 -9.56 -13.77 -6.35
N THR A 544 -9.20 -14.94 -5.84
CA THR A 544 -9.93 -16.16 -6.06
C THR A 544 -10.05 -16.85 -4.72
N ALA A 545 -11.12 -17.59 -4.52
CA ALA A 545 -11.28 -18.31 -3.28
C ALA A 545 -10.44 -19.59 -3.28
N THR A 546 -9.13 -19.44 -3.16
CA THR A 546 -8.24 -20.59 -3.00
C THR A 546 -7.32 -20.33 -1.82
N TRP A 547 -6.72 -21.39 -1.32
CA TRP A 547 -5.78 -21.31 -0.22
C TRP A 547 -4.51 -20.60 -0.64
N ASP A 548 -4.15 -20.71 -1.92
CA ASP A 548 -2.98 -19.98 -2.42
C ASP A 548 -3.24 -18.45 -2.32
N ASP A 549 -4.45 -18.02 -2.68
CA ASP A 549 -4.76 -16.58 -2.64
C ASP A 549 -4.74 -16.05 -1.22
N LEU A 550 -5.18 -16.87 -0.26
CA LEU A 550 -5.12 -16.50 1.12
C LEU A 550 -3.66 -16.24 1.55
N ARG A 551 -2.80 -17.22 1.28
CA ARG A 551 -1.39 -17.10 1.52
C ARG A 551 -0.72 -15.88 0.84
N TRP A 552 -1.05 -15.63 -0.42
CA TRP A 552 -0.41 -14.58 -1.20
C TRP A 552 -0.81 -13.16 -0.75
N SER A 553 -1.91 -13.09 -0.03
CA SER A 553 -2.42 -11.81 0.50
C SER A 553 -1.47 -11.17 1.51
N ILE A 554 -0.81 -11.97 2.36
CA ILE A 554 0.08 -11.38 3.36
C ILE A 554 1.25 -10.56 2.78
N PRO A 555 2.07 -11.13 1.85
CA PRO A 555 3.12 -10.27 1.22
C PRO A 555 2.53 -9.04 0.53
N GLY A 556 1.34 -9.18 -0.05
CA GLY A 556 0.67 -8.05 -0.75
C GLY A 556 0.36 -6.88 0.18
N VAL A 557 -0.20 -7.19 1.35
CA VAL A 557 -0.47 -6.18 2.38
C VAL A 557 0.83 -5.54 2.88
N LEU A 558 1.84 -6.36 3.14
CA LEU A 558 3.11 -5.82 3.64
C LEU A 558 3.79 -4.92 2.69
N GLU A 559 3.77 -5.25 1.38
CA GLU A 559 4.38 -4.43 0.34
C GLU A 559 3.65 -3.10 0.25
N PHE A 560 2.32 -3.09 0.31
CA PHE A 560 1.63 -1.81 0.22
C PHE A 560 1.86 -0.93 1.44
N ASN A 561 2.17 -1.56 2.55
CA ASN A 561 2.58 -0.77 3.68
C ASN A 561 3.94 -0.09 3.46
N LEU A 562 4.90 -0.76 2.80
CA LEU A 562 6.16 -0.10 2.35
C LEU A 562 5.89 1.08 1.41
N PHE A 563 4.86 0.92 0.58
CA PHE A 563 4.53 1.91 -0.43
C PHE A 563 3.76 3.12 0.10
N GLY A 564 3.45 3.16 1.40
CA GLY A 564 2.71 4.29 1.99
C GLY A 564 1.23 4.19 1.77
N ILE A 565 0.74 2.98 1.49
CA ILE A 565 -0.71 2.71 1.35
C ILE A 565 -1.05 1.67 2.46
N PRO A 566 -1.06 2.08 3.73
CA PRO A 566 -1.18 1.12 4.83
C PRO A 566 -2.58 0.52 4.89
N MET A 567 -3.58 1.25 4.40
CA MET A 567 -4.95 0.75 4.37
C MET A 567 -5.15 -0.05 3.08
N VAL A 568 -4.89 -1.36 3.19
CA VAL A 568 -4.89 -2.23 2.03
C VAL A 568 -5.36 -3.59 2.55
N GLY A 569 -6.10 -4.34 1.72
CA GLY A 569 -6.52 -5.67 2.10
C GLY A 569 -6.97 -6.34 0.80
N PRO A 570 -7.13 -7.67 0.78
CA PRO A 570 -7.76 -8.28 -0.40
C PRO A 570 -9.30 -8.38 -0.18
N ASP A 571 -9.99 -9.08 -1.09
CA ASP A 571 -11.38 -9.52 -0.87
C ASP A 571 -11.32 -10.74 0.04
N ILE A 572 -11.67 -10.56 1.32
CA ILE A 572 -11.75 -11.67 2.27
C ILE A 572 -12.75 -12.70 1.72
N CYS A 573 -12.33 -13.97 1.82
CA CYS A 573 -13.01 -15.15 1.31
C CYS A 573 -12.84 -15.37 -0.20
N GLY A 574 -12.35 -14.37 -0.91
CA GLY A 574 -12.01 -14.57 -2.30
C GLY A 574 -13.17 -14.12 -3.19
N PHE A 575 -12.83 -13.26 -4.12
CA PHE A 575 -13.80 -12.67 -5.00
C PHE A 575 -14.36 -13.73 -6.00
N ALA A 576 -13.49 -14.33 -6.79
CA ALA A 576 -13.90 -15.31 -7.83
C ALA A 576 -14.09 -16.64 -7.16
N LEU A 577 -15.10 -17.41 -7.55
CA LEU A 577 -15.37 -18.76 -7.02
C LEU A 577 -16.23 -18.80 -5.75
N ASP A 578 -16.98 -19.90 -5.61
CA ASP A 578 -17.71 -20.16 -4.39
C ASP A 578 -16.65 -20.46 -3.36
N THR A 579 -16.76 -19.91 -2.15
CA THR A 579 -15.75 -20.20 -1.13
C THR A 579 -16.15 -21.41 -0.26
N PRO A 580 -15.20 -22.33 0.01
CA PRO A 580 -15.45 -23.38 0.98
C PRO A 580 -15.55 -22.81 2.39
N GLU A 581 -16.32 -23.45 3.26
CA GLU A 581 -16.52 -22.91 4.59
C GLU A 581 -15.21 -22.83 5.36
N GLU A 582 -14.33 -23.83 5.24
CA GLU A 582 -13.09 -23.83 5.99
C GLU A 582 -12.18 -22.67 5.53
N LEU A 583 -12.05 -22.48 4.21
CA LEU A 583 -11.23 -21.39 3.69
C LEU A 583 -11.82 -20.05 4.16
N CYS A 584 -13.13 -19.87 3.99
CA CYS A 584 -13.73 -18.60 4.41
C CYS A 584 -13.61 -18.32 5.93
N ARG A 585 -13.70 -19.37 6.76
CA ARG A 585 -13.49 -19.23 8.22
C ARG A 585 -12.06 -18.76 8.53
N ARG A 586 -11.04 -19.43 7.97
CA ARG A 586 -9.67 -19.03 8.15
C ARG A 586 -9.36 -17.62 7.62
N TRP A 587 -9.96 -17.30 6.48
CA TRP A 587 -9.77 -15.99 5.86
C TRP A 587 -10.44 -14.88 6.64
N MET A 588 -11.64 -15.16 7.20
CA MET A 588 -12.29 -14.21 8.11
C MET A 588 -11.48 -13.95 9.35
N GLN A 589 -10.84 -15.01 9.87
CA GLN A 589 -9.99 -14.89 11.06
C GLN A 589 -8.76 -13.99 10.78
N LEU A 590 -8.08 -14.27 9.68
CA LEU A 590 -6.95 -13.46 9.28
C LEU A 590 -7.46 -12.07 8.95
N GLY A 591 -8.59 -12.04 8.25
CA GLY A 591 -9.20 -10.84 7.67
C GLY A 591 -9.61 -9.81 8.68
N ALA A 592 -9.90 -10.26 9.89
CA ALA A 592 -10.13 -9.37 10.99
C ALA A 592 -8.92 -8.53 11.28
N PHE A 593 -7.75 -8.94 10.79
CA PHE A 593 -6.49 -8.23 11.11
C PHE A 593 -5.78 -7.57 9.93
N TYR A 594 -6.41 -7.58 8.75
CA TYR A 594 -5.94 -6.76 7.67
C TYR A 594 -6.28 -5.27 7.95
N PRO A 595 -5.38 -4.34 7.53
CA PRO A 595 -5.68 -2.94 7.83
C PRO A 595 -6.96 -2.49 7.18
N PHE A 596 -7.15 -2.83 5.90
CA PHE A 596 -8.46 -2.75 5.26
C PHE A 596 -9.16 -4.12 5.29
N SER A 597 -10.32 -4.22 5.94
CA SER A 597 -10.99 -5.52 6.14
C SER A 597 -12.34 -5.49 5.42
N ARG A 598 -12.40 -6.09 4.23
CA ARG A 598 -13.62 -6.13 3.41
C ARG A 598 -13.88 -7.53 2.88
N ASN A 599 -15.04 -8.09 3.18
CA ASN A 599 -15.54 -9.28 2.52
C ASN A 599 -16.27 -8.85 1.27
N HIS A 600 -15.76 -9.30 0.12
CA HIS A 600 -16.27 -8.91 -1.20
C HIS A 600 -16.34 -10.17 -2.07
N ASN A 601 -17.34 -10.28 -2.94
CA ASN A 601 -17.60 -11.54 -3.64
C ASN A 601 -17.96 -11.19 -5.05
N GLY A 602 -17.61 -12.07 -6.00
CA GLY A 602 -17.85 -11.82 -7.42
C GLY A 602 -19.30 -12.11 -7.83
N GLN A 603 -19.62 -11.83 -9.09
CA GLN A 603 -20.96 -12.01 -9.64
C GLN A 603 -21.28 -13.51 -9.71
N GLY A 604 -22.41 -13.89 -9.10
CA GLY A 604 -23.04 -15.19 -9.37
C GLY A 604 -22.69 -16.29 -8.40
N TYR A 605 -21.63 -16.09 -7.60
CA TYR A 605 -21.12 -17.12 -6.72
C TYR A 605 -21.96 -17.17 -5.45
N LYS A 606 -21.91 -18.29 -4.72
CA LYS A 606 -22.70 -18.41 -3.53
C LYS A 606 -22.30 -17.37 -2.48
N ASP A 607 -23.26 -17.00 -1.68
CA ASP A 607 -23.07 -16.00 -0.65
C ASP A 607 -21.86 -16.30 0.21
N GLN A 608 -21.08 -15.26 0.54
CA GLN A 608 -19.98 -15.48 1.48
C GLN A 608 -19.92 -14.46 2.64
N ASP A 609 -20.99 -13.70 2.85
CA ASP A 609 -21.16 -12.89 4.04
C ASP A 609 -21.18 -13.81 5.26
N PRO A 610 -20.59 -13.36 6.39
CA PRO A 610 -20.49 -14.24 7.53
C PRO A 610 -21.81 -14.86 7.98
N ALA A 611 -22.89 -14.09 8.00
CA ALA A 611 -24.19 -14.62 8.47
C ALA A 611 -24.82 -15.66 7.54
N SER A 612 -24.43 -15.64 6.27
CA SER A 612 -24.88 -16.62 5.28
C SER A 612 -24.47 -18.07 5.61
N PHE A 613 -23.52 -18.24 6.53
CA PHE A 613 -23.06 -19.56 6.87
C PHE A 613 -23.92 -20.19 7.96
N GLY A 614 -24.82 -19.40 8.54
CA GLY A 614 -25.67 -19.93 9.60
C GLY A 614 -25.57 -19.11 10.85
N ALA A 615 -26.73 -18.67 11.34
CA ALA A 615 -26.86 -17.95 12.62
C ALA A 615 -26.04 -18.53 13.79
N ASP A 616 -25.89 -19.85 13.83
CA ASP A 616 -25.06 -20.44 14.89
C ASP A 616 -23.86 -21.23 14.36
N SER A 617 -23.40 -20.88 13.17
CA SER A 617 -22.29 -21.56 12.55
C SER A 617 -20.98 -21.19 13.23
N LEU A 618 -20.00 -22.07 13.09
CA LEU A 618 -18.67 -21.82 13.61
C LEU A 618 -18.03 -20.60 12.94
N LEU A 619 -18.24 -20.45 11.63
CA LEU A 619 -17.68 -19.36 10.87
C LEU A 619 -18.22 -18.06 11.42
N LEU A 620 -19.53 -17.98 11.67
CA LEU A 620 -20.11 -16.73 12.14
C LEU A 620 -19.63 -16.43 13.56
N ASN A 621 -19.59 -17.42 14.43
CA ASN A 621 -19.13 -17.24 15.82
C ASN A 621 -17.68 -16.77 15.89
N SER A 622 -16.84 -17.34 15.04
CA SER A 622 -15.43 -17.07 15.03
C SER A 622 -15.18 -15.71 14.42
N SER A 623 -15.89 -15.42 13.34
CA SER A 623 -15.92 -14.09 12.69
C SER A 623 -16.29 -12.94 13.63
N ARG A 624 -17.45 -13.04 14.25
CA ARG A 624 -17.85 -12.09 15.26
C ARG A 624 -16.81 -11.99 16.39
N HIS A 625 -16.30 -13.11 16.85
CA HIS A 625 -15.26 -13.12 17.91
C HIS A 625 -14.00 -12.29 17.54
N TYR A 626 -13.45 -12.52 16.36
CA TYR A 626 -12.21 -11.85 15.97
C TYR A 626 -12.46 -10.43 15.46
N LEU A 627 -13.64 -10.19 14.91
CA LEU A 627 -14.00 -8.81 14.60
C LEU A 627 -14.20 -7.99 15.88
N ASN A 628 -14.76 -8.59 16.93
CA ASN A 628 -14.84 -7.88 18.20
C ASN A 628 -13.46 -7.54 18.79
N ILE A 629 -12.50 -8.46 18.60
CA ILE A 629 -11.10 -8.19 19.00
C ILE A 629 -10.52 -7.06 18.18
N ARG A 630 -10.67 -7.11 16.85
CA ARG A 630 -10.28 -6.01 16.02
C ARG A 630 -10.86 -4.69 16.51
N TYR A 631 -12.16 -4.68 16.84
CA TYR A 631 -12.78 -3.44 17.23
C TYR A 631 -12.24 -3.01 18.61
N THR A 632 -11.95 -3.95 19.49
CA THR A 632 -11.45 -3.61 20.79
C THR A 632 -10.10 -2.87 20.63
N LEU A 633 -9.36 -3.26 19.60
CA LEU A 633 -7.99 -2.76 19.39
C LEU A 633 -7.98 -1.62 18.43
N LEU A 634 -9.13 -1.09 18.08
CA LEU A 634 -9.13 0.04 17.17
C LEU A 634 -8.36 1.26 17.64
N PRO A 635 -8.42 1.64 18.93
CA PRO A 635 -7.52 2.76 19.33
C PRO A 635 -6.04 2.56 19.07
N TYR A 636 -5.55 1.35 19.20
CA TYR A 636 -4.17 1.02 18.90
C TYR A 636 -3.94 1.06 17.39
N LEU A 637 -4.86 0.47 16.62
CA LEU A 637 -4.72 0.50 15.15
C LEU A 637 -4.78 1.95 14.63
N TYR A 638 -5.72 2.72 15.14
CA TYR A 638 -5.81 4.13 14.74
C TYR A 638 -4.56 4.92 15.06
N THR A 639 -3.98 4.67 16.22
CA THR A 639 -2.74 5.33 16.56
C THR A 639 -1.59 4.95 15.61
N LEU A 640 -1.57 3.71 15.13
CA LEU A 640 -0.57 3.30 14.16
C LEU A 640 -0.76 4.05 12.89
N PHE A 641 -2.01 4.25 12.50
CA PHE A 641 -2.31 5.08 11.29
C PHE A 641 -1.90 6.52 11.49
N PHE A 642 -2.08 7.06 12.69
CA PHE A 642 -1.59 8.38 13.02
C PHE A 642 -0.08 8.46 12.82
N ARG A 643 0.65 7.43 13.25
CA ARG A 643 2.11 7.45 13.07
C ARG A 643 2.50 7.28 11.61
N ALA A 644 1.72 6.50 10.84
CA ALA A 644 1.96 6.40 9.39
C ALA A 644 1.80 7.76 8.74
N HIS A 645 0.72 8.43 9.11
CA HIS A 645 0.37 9.69 8.54
C HIS A 645 1.35 10.79 8.94
N SER A 646 1.79 10.81 10.20
CA SER A 646 2.58 11.91 10.70
C SER A 646 4.08 11.68 10.63
N ARG A 647 4.49 10.42 10.69
CA ARG A 647 5.90 10.10 10.79
C ARG A 647 6.35 9.21 9.66
N GLY A 648 5.42 8.42 9.11
CA GLY A 648 5.75 7.54 7.98
C GLY A 648 5.94 6.06 8.37
N ASP A 649 5.67 5.66 9.59
CA ASP A 649 5.71 4.24 10.03
C ASP A 649 4.81 3.27 9.21
N THR A 650 5.12 1.96 9.11
CA THR A 650 4.16 1.00 8.52
C THR A 650 3.06 0.73 9.55
N VAL A 651 1.94 0.19 9.10
CA VAL A 651 0.89 -0.23 10.04
C VAL A 651 0.92 -1.77 10.13
N ALA A 652 0.63 -2.49 9.05
CA ALA A 652 0.89 -3.94 9.07
C ALA A 652 2.40 -4.04 8.73
N ARG A 653 3.14 -4.77 9.55
CA ARG A 653 4.58 -4.60 9.59
C ARG A 653 5.20 -6.00 9.50
N PRO A 654 6.26 -6.17 8.69
CA PRO A 654 6.93 -7.46 8.64
C PRO A 654 7.64 -7.72 9.99
N LEU A 655 7.77 -8.96 10.37
CA LEU A 655 8.51 -9.26 11.63
C LEU A 655 9.90 -8.66 11.60
N LEU A 656 10.49 -8.61 10.41
CA LEU A 656 11.88 -8.20 10.27
C LEU A 656 12.07 -6.70 10.55
N HIS A 657 11.02 -5.90 10.40
CA HIS A 657 11.16 -4.51 10.75
C HIS A 657 11.35 -4.30 12.25
N GLU A 658 10.87 -5.23 13.08
CA GLU A 658 11.11 -5.14 14.53
C GLU A 658 12.24 -6.06 14.98
N PHE A 659 12.49 -7.10 14.20
CA PHE A 659 13.36 -8.22 14.67
C PHE A 659 14.51 -8.55 13.76
N TYR A 660 14.96 -7.53 13.05
CA TYR A 660 15.99 -7.62 11.99
C TYR A 660 17.31 -8.22 12.52
N GLU A 661 17.58 -8.10 13.82
CA GLU A 661 18.82 -8.67 14.39
C GLU A 661 18.80 -10.18 14.31
N ASP A 662 17.63 -10.74 14.05
CA ASP A 662 17.40 -12.15 13.97
C ASP A 662 17.18 -12.53 12.53
N ASN A 663 18.17 -13.17 11.91
CA ASN A 663 18.03 -13.52 10.49
C ASN A 663 16.94 -14.52 10.24
N SER A 664 16.41 -15.17 11.28
CA SER A 664 15.25 -16.05 11.03
C SER A 664 13.98 -15.30 10.61
N THR A 665 13.93 -13.98 10.81
CA THR A 665 12.74 -13.22 10.50
C THR A 665 12.77 -12.64 9.08
N TRP A 666 13.91 -12.75 8.39
CA TRP A 666 14.15 -11.99 7.15
C TRP A 666 13.28 -12.38 5.98
N ASP A 667 12.76 -13.59 6.03
CA ASP A 667 11.89 -14.06 4.96
C ASP A 667 10.52 -14.49 5.48
N VAL A 668 10.18 -14.18 6.74
CA VAL A 668 8.87 -14.54 7.29
C VAL A 668 7.76 -13.72 6.64
N HIS A 669 6.78 -14.43 6.05
CA HIS A 669 5.67 -13.78 5.36
C HIS A 669 4.32 -14.48 5.60
N GLN A 670 4.28 -15.45 6.48
CA GLN A 670 3.02 -16.08 6.80
C GLN A 670 2.50 -15.56 8.17
N GLN A 671 3.23 -14.60 8.74
CA GLN A 671 2.87 -13.97 9.99
C GLN A 671 3.19 -12.48 9.74
N PHE A 672 2.60 -11.62 10.56
CA PHE A 672 2.91 -10.19 10.53
C PHE A 672 2.60 -9.52 11.86
N LEU A 673 2.96 -8.25 11.99
CA LEU A 673 2.65 -7.45 13.17
C LEU A 673 1.65 -6.35 12.83
N TRP A 674 0.81 -6.00 13.79
CA TRP A 674 0.25 -4.64 13.86
C TRP A 674 1.22 -3.80 14.64
N GLY A 675 1.92 -2.91 13.96
CA GLY A 675 2.84 -2.00 14.66
C GLY A 675 3.93 -2.84 15.29
N PRO A 676 4.48 -2.36 16.41
CA PRO A 676 5.59 -3.08 17.03
C PRO A 676 5.15 -4.24 17.89
N GLY A 677 3.86 -4.28 18.24
CA GLY A 677 3.42 -5.02 19.41
C GLY A 677 2.54 -6.22 19.30
N LEU A 678 1.90 -6.45 18.17
CA LEU A 678 0.89 -7.51 18.09
C LEU A 678 1.27 -8.43 16.96
N LEU A 679 1.50 -9.69 17.30
CA LEU A 679 1.85 -10.71 16.38
C LEU A 679 0.66 -11.54 15.98
N ILE A 680 0.45 -11.68 14.67
CA ILE A 680 -0.70 -12.38 14.14
C ILE A 680 -0.15 -13.60 13.38
N THR A 681 -0.69 -14.77 13.70
CA THR A 681 -0.22 -16.08 13.23
C THR A 681 -1.45 -16.84 12.74
N PRO A 682 -1.79 -16.67 11.47
CA PRO A 682 -2.95 -17.37 10.95
C PRO A 682 -2.66 -18.81 10.54
N VAL A 683 -3.72 -19.61 10.43
CA VAL A 683 -3.64 -20.92 9.81
C VAL A 683 -3.92 -20.66 8.36
N LEU A 684 -3.03 -21.17 7.51
CA LEU A 684 -3.05 -20.80 6.08
C LEU A 684 -3.06 -22.06 5.19
N ASP A 685 -3.26 -23.23 5.81
CA ASP A 685 -3.27 -24.55 5.12
C ASP A 685 -4.59 -25.28 5.28
N GLU A 686 -5.06 -25.86 4.19
CA GLU A 686 -6.31 -26.59 4.19
C GLU A 686 -6.17 -27.82 5.07
N GLY A 687 -7.16 -28.01 5.93
CA GLY A 687 -7.20 -29.16 6.84
C GLY A 687 -6.50 -28.92 8.16
N ALA A 688 -5.66 -27.88 8.22
CA ALA A 688 -4.77 -27.67 9.35
C ALA A 688 -5.38 -27.10 10.62
N GLU A 689 -4.86 -27.58 11.77
CA GLU A 689 -5.26 -27.11 13.08
C GLU A 689 -4.03 -26.69 13.88
N LYS A 690 -3.01 -26.33 13.14
CA LYS A 690 -1.69 -26.00 13.68
C LYS A 690 -1.05 -25.13 12.64
N VAL A 691 -0.09 -24.31 13.06
CA VAL A 691 0.68 -23.58 12.09
C VAL A 691 2.12 -23.56 12.56
N MET A 692 3.03 -23.85 11.64
CA MET A 692 4.46 -23.68 11.91
C MET A 692 4.72 -22.17 11.87
N ALA A 693 5.17 -21.64 12.99
CA ALA A 693 5.30 -20.20 13.14
C ALA A 693 6.63 -19.91 13.73
N TYR A 694 7.12 -18.71 13.49
CA TYR A 694 8.28 -18.21 14.19
C TYR A 694 7.86 -17.32 15.34
N VAL A 695 8.48 -17.53 16.48
CA VAL A 695 8.32 -16.70 17.62
C VAL A 695 9.60 -15.93 17.81
N PRO A 696 9.55 -14.61 17.56
CA PRO A 696 10.73 -13.80 17.67
C PRO A 696 11.25 -13.69 19.10
N ASP A 697 12.38 -13.05 19.19
CA ASP A 697 13.10 -12.91 20.42
C ASP A 697 12.54 -11.76 21.25
N ALA A 698 11.39 -12.00 21.86
CA ALA A 698 10.80 -11.08 22.80
C ALA A 698 10.00 -11.91 23.79
N VAL A 699 9.50 -11.28 24.82
CA VAL A 699 8.49 -11.91 25.65
C VAL A 699 7.14 -11.78 24.92
N TRP A 700 6.37 -12.84 24.83
CA TRP A 700 5.05 -12.82 24.19
C TRP A 700 3.98 -13.31 25.13
N TYR A 701 2.78 -12.72 25.03
CA TYR A 701 1.61 -13.15 25.80
C TYR A 701 0.46 -13.47 24.89
N ASP A 702 -0.18 -14.61 25.15
CA ASP A 702 -1.46 -14.92 24.54
C ASP A 702 -2.49 -13.80 24.73
N TYR A 703 -3.09 -13.31 23.65
CA TYR A 703 -3.93 -12.13 23.75
C TYR A 703 -5.15 -12.44 24.65
N GLU A 704 -5.84 -13.54 24.37
CA GLU A 704 -7.02 -13.85 25.14
C GLU A 704 -6.80 -14.24 26.61
N THR A 705 -5.83 -15.10 26.90
CA THR A 705 -5.66 -15.51 28.29
C THR A 705 -4.73 -14.61 29.05
N GLY A 706 -3.85 -13.91 28.31
CA GLY A 706 -2.83 -13.10 28.93
C GLY A 706 -1.60 -13.89 29.39
N SER A 707 -1.59 -15.21 29.19
CA SER A 707 -0.42 -15.96 29.70
C SER A 707 0.85 -15.90 28.85
N GLN A 708 1.99 -15.88 29.53
CA GLN A 708 3.26 -15.82 28.86
C GLN A 708 3.58 -17.15 28.19
N VAL A 709 3.89 -17.13 26.90
CA VAL A 709 4.20 -18.35 26.20
C VAL A 709 5.64 -18.74 26.59
N ARG A 710 5.95 -20.04 26.55
CA ARG A 710 7.30 -20.48 26.89
C ARG A 710 8.29 -20.15 25.75
N TRP A 711 7.78 -20.16 24.53
CA TRP A 711 8.51 -19.85 23.30
C TRP A 711 9.25 -18.50 23.28
N ARG A 712 10.43 -18.50 22.63
CA ARG A 712 11.21 -17.27 22.41
C ARG A 712 12.29 -17.54 21.39
N LYS A 713 12.34 -16.73 20.34
CA LYS A 713 13.39 -16.88 19.30
C LYS A 713 13.50 -18.31 18.72
N GLN A 714 12.37 -18.88 18.30
CA GLN A 714 12.35 -20.26 17.83
C GLN A 714 11.13 -20.54 16.96
N LYS A 715 11.24 -21.51 16.06
CA LYS A 715 10.11 -22.06 15.34
C LYS A 715 9.30 -22.91 16.32
N VAL A 716 7.98 -22.83 16.20
CA VAL A 716 7.08 -23.59 17.06
C VAL A 716 5.96 -24.13 16.17
N GLU A 717 5.30 -25.22 16.57
CA GLU A 717 4.01 -25.53 15.96
C GLU A 717 2.96 -25.08 16.94
N MET A 718 2.27 -24.03 16.52
CA MET A 718 1.29 -23.36 17.35
C MET A 718 -0.01 -24.07 17.10
N GLU A 719 -0.66 -24.52 18.16
CA GLU A 719 -1.90 -25.29 18.06
C GLU A 719 -3.07 -24.31 17.81
N LEU A 720 -3.72 -24.40 16.65
CA LEU A 720 -4.78 -23.46 16.33
C LEU A 720 -5.99 -24.16 15.74
N PRO A 721 -6.94 -24.58 16.62
CA PRO A 721 -8.13 -25.28 16.18
C PRO A 721 -8.98 -24.39 15.25
N GLY A 722 -10.06 -24.97 14.74
CA GLY A 722 -10.90 -24.34 13.72
C GLY A 722 -11.36 -22.93 14.06
N ASP A 723 -11.44 -22.62 15.36
CA ASP A 723 -12.01 -21.37 15.76
C ASP A 723 -10.96 -20.36 16.20
N LYS A 724 -9.67 -20.68 16.06
CA LYS A 724 -8.57 -19.83 16.56
C LYS A 724 -7.56 -19.30 15.50
N ILE A 725 -7.09 -18.07 15.71
CA ILE A 725 -5.93 -17.49 15.05
C ILE A 725 -4.94 -17.10 16.14
N GLY A 726 -3.64 -17.22 15.87
CA GLY A 726 -2.66 -16.86 16.88
C GLY A 726 -2.56 -15.34 17.00
N LEU A 727 -2.68 -14.83 18.22
CA LEU A 727 -2.56 -13.42 18.54
C LEU A 727 -1.76 -13.28 19.83
N HIS A 728 -0.62 -12.63 19.75
CA HIS A 728 0.28 -12.49 20.88
C HIS A 728 0.74 -11.07 21.01
N LEU A 729 0.85 -10.65 22.26
CA LEU A 729 1.25 -9.29 22.58
C LEU A 729 2.69 -9.32 23.06
N ARG A 730 3.43 -8.32 22.64
CA ARG A 730 4.84 -8.21 22.86
C ARG A 730 5.10 -7.51 24.15
N GLY A 731 5.88 -8.16 24.99
CA GLY A 731 6.35 -7.57 26.23
C GLY A 731 7.14 -6.32 25.97
N GLY A 732 6.88 -5.31 26.77
CA GLY A 732 7.44 -4.02 26.56
C GLY A 732 6.50 -2.99 26.03
N TYR A 733 5.24 -3.36 25.76
CA TYR A 733 4.30 -2.48 25.05
C TYR A 733 2.98 -2.37 25.78
N ILE A 734 2.38 -1.19 25.67
CA ILE A 734 1.08 -0.90 26.24
C ILE A 734 0.09 -0.63 25.10
N PHE A 735 -1.07 -1.30 25.13
CA PHE A 735 -1.98 -1.26 24.03
C PHE A 735 -3.27 -0.62 24.54
N PRO A 736 -3.66 0.52 23.97
CA PRO A 736 -4.97 1.08 24.37
C PRO A 736 -6.12 0.36 23.67
N THR A 737 -7.24 0.20 24.38
CA THR A 737 -8.36 -0.54 23.84
C THR A 737 -9.64 0.22 24.16
N GLN A 738 -10.72 -0.09 23.45
CA GLN A 738 -12.00 0.50 23.77
C GLN A 738 -13.03 -0.61 23.64
N GLN A 739 -13.96 -0.71 24.59
CA GLN A 739 -14.95 -1.75 24.52
C GLN A 739 -15.70 -1.68 23.20
N PRO A 740 -15.86 -2.83 22.53
CA PRO A 740 -16.33 -2.89 21.17
C PRO A 740 -17.87 -2.71 21.13
N ASN A 741 -18.38 -2.44 19.96
CA ASN A 741 -19.80 -2.47 19.71
C ASN A 741 -19.83 -2.77 18.23
N THR A 742 -20.98 -2.80 17.61
CA THR A 742 -21.10 -3.29 16.24
C THR A 742 -20.84 -2.24 15.19
N THR A 743 -20.74 -0.98 15.63
CA THR A 743 -20.29 0.12 14.75
C THR A 743 -19.26 0.97 15.53
N THR A 744 -18.35 1.62 14.81
CA THR A 744 -17.40 2.54 15.41
C THR A 744 -18.10 3.78 15.91
N LEU A 745 -19.24 4.14 15.30
CA LEU A 745 -19.99 5.29 15.81
C LEU A 745 -20.34 5.05 17.29
N ALA A 746 -20.77 3.83 17.58
CA ALA A 746 -21.14 3.47 18.92
C ALA A 746 -19.90 3.07 19.79
N SER A 747 -18.95 2.31 19.24
CA SER A 747 -17.79 1.88 20.00
C SER A 747 -16.96 3.06 20.53
N ARG A 748 -16.83 4.12 19.74
CA ARG A 748 -16.11 5.34 20.19
C ARG A 748 -16.65 6.03 21.45
N LYS A 749 -17.85 5.63 21.90
CA LYS A 749 -18.41 6.22 23.11
C LYS A 749 -18.15 5.39 24.35
N ASN A 750 -17.47 4.25 24.20
CA ASN A 750 -17.35 3.25 25.28
C ASN A 750 -16.11 3.50 26.13
N PRO A 751 -16.06 2.88 27.34
CA PRO A 751 -14.89 2.98 28.19
C PRO A 751 -13.64 2.42 27.50
N LEU A 752 -12.49 2.89 27.95
CA LEU A 752 -11.23 2.47 27.39
C LEU A 752 -10.55 1.54 28.36
N GLY A 753 -9.53 0.85 27.88
CA GLY A 753 -8.73 -0.05 28.76
C GLY A 753 -7.27 0.08 28.37
N LEU A 754 -6.36 -0.38 29.24
CA LEU A 754 -4.96 -0.48 28.80
C LEU A 754 -4.62 -1.93 28.97
N ILE A 755 -3.88 -2.52 28.05
CA ILE A 755 -3.26 -3.82 28.32
C ILE A 755 -1.73 -3.52 28.40
N ILE A 756 -1.14 -3.79 29.55
CA ILE A 756 0.29 -3.58 29.75
C ILE A 756 0.95 -4.93 29.65
N ALA A 757 1.71 -5.16 28.58
CA ALA A 757 2.50 -6.39 28.45
C ALA A 757 3.93 -6.10 28.92
N LEU A 758 4.29 -6.54 30.13
CA LEU A 758 5.62 -6.25 30.70
C LEU A 758 6.75 -6.97 30.00
N ASP A 759 7.87 -6.27 29.83
CA ASP A 759 9.08 -6.92 29.29
C ASP A 759 9.86 -7.55 30.45
N GLU A 760 11.04 -8.09 30.15
CA GLU A 760 11.85 -8.83 31.11
C GLU A 760 12.19 -7.97 32.33
N ASN A 761 12.37 -6.66 32.13
CA ASN A 761 12.59 -5.72 33.21
C ASN A 761 11.36 -5.16 33.89
N LYS A 762 10.19 -5.76 33.64
CA LYS A 762 8.92 -5.28 34.20
C LYS A 762 8.64 -3.81 33.80
N GLU A 763 9.04 -3.48 32.58
CA GLU A 763 8.74 -2.17 31.95
C GLU A 763 7.92 -2.36 30.68
N ALA A 764 7.30 -1.26 30.24
CA ALA A 764 6.49 -1.23 29.06
C ALA A 764 6.21 0.22 28.74
N LYS A 765 5.98 0.48 27.46
CA LYS A 765 5.62 1.80 26.96
C LYS A 765 4.53 1.72 25.85
N GLY A 766 3.74 2.79 25.74
CA GLY A 766 2.77 2.83 24.69
C GLY A 766 2.30 4.25 24.55
N GLU A 767 1.32 4.43 23.67
CA GLU A 767 0.81 5.78 23.37
C GLU A 767 -0.58 5.68 22.79
N LEU A 768 -1.31 6.79 22.86
CA LEU A 768 -2.63 6.84 22.29
C LEU A 768 -2.85 8.21 21.64
N PHE A 769 -3.22 8.18 20.37
CA PHE A 769 -3.65 9.33 19.63
C PHE A 769 -5.20 9.32 19.67
N TRP A 770 -5.82 10.49 19.89
CA TRP A 770 -7.29 10.56 19.83
C TRP A 770 -7.70 11.94 19.25
N ASP A 771 -8.58 11.90 18.28
CA ASP A 771 -9.08 13.14 17.68
C ASP A 771 -10.58 12.77 17.38
N ASP A 772 -11.26 13.59 16.61
CA ASP A 772 -12.68 13.38 16.41
C ASP A 772 -12.98 12.32 15.35
N GLY A 773 -11.93 11.75 14.74
CA GLY A 773 -12.09 10.52 13.96
C GLY A 773 -12.56 10.78 12.51
N GLU A 774 -12.86 12.04 12.16
CA GLU A 774 -13.37 12.31 10.81
C GLU A 774 -12.96 13.62 10.16
N THR A 775 -12.53 14.60 10.95
CA THR A 775 -12.15 15.88 10.37
C THR A 775 -10.81 15.80 9.69
N LYS A 776 -10.76 16.36 8.49
CA LYS A 776 -9.55 16.31 7.72
C LYS A 776 -8.58 17.30 8.34
N ASP A 777 -7.30 16.92 8.37
CA ASP A 777 -6.22 17.78 8.86
C ASP A 777 -6.26 18.19 10.34
N THR A 778 -6.84 17.34 11.20
CA THR A 778 -6.75 17.52 12.64
C THR A 778 -5.27 17.46 13.08
N VAL A 779 -4.44 16.75 12.31
CA VAL A 779 -3.03 16.60 12.66
C VAL A 779 -2.23 17.84 12.24
N ALA A 780 -2.35 18.22 10.98
CA ALA A 780 -1.72 19.47 10.51
C ALA A 780 -2.15 20.67 11.37
N ASN A 781 -3.41 20.69 11.77
CA ASN A 781 -3.94 21.85 12.48
C ASN A 781 -3.83 21.68 13.99
N LYS A 782 -3.17 20.60 14.42
CA LYS A 782 -3.01 20.26 15.83
C LYS A 782 -4.26 20.29 16.68
N VAL A 783 -5.30 19.61 16.25
CA VAL A 783 -6.43 19.42 17.14
C VAL A 783 -6.56 17.95 17.45
N TYR A 784 -5.78 17.50 18.43
CA TYR A 784 -5.81 16.13 18.87
C TYR A 784 -5.25 15.96 20.27
N LEU A 785 -5.40 14.76 20.78
CA LEU A 785 -4.85 14.36 22.04
C LEU A 785 -3.76 13.34 21.74
N LEU A 786 -2.60 13.47 22.39
CA LEU A 786 -1.62 12.41 22.29
C LEU A 786 -1.11 12.13 23.69
N CYS A 787 -1.28 10.92 24.15
CA CYS A 787 -0.66 10.62 25.43
C CYS A 787 0.31 9.44 25.38
N GLU A 788 1.15 9.37 26.40
CA GLU A 788 2.20 8.38 26.50
C GLU A 788 1.94 7.62 27.78
N PHE A 789 2.15 6.32 27.73
CA PHE A 789 1.97 5.45 28.90
C PHE A 789 3.36 4.87 29.08
N SER A 790 3.82 4.82 30.32
CA SER A 790 5.08 4.14 30.62
C SER A 790 4.98 3.52 31.99
N VAL A 791 5.47 2.30 32.05
CA VAL A 791 5.48 1.50 33.27
C VAL A 791 6.93 1.23 33.53
N THR A 792 7.34 1.53 34.76
CA THR A 792 8.69 1.22 35.23
C THR A 792 8.55 0.93 36.72
N GLN A 793 8.83 -0.35 37.06
CA GLN A 793 8.27 -1.10 38.22
C GLN A 793 7.57 -0.29 39.32
N ASN A 794 6.47 -0.88 39.79
CA ASN A 794 5.65 -0.25 40.81
C ASN A 794 4.90 0.97 40.31
N ARG A 795 5.05 1.33 39.03
CA ARG A 795 4.46 2.61 38.60
C ARG A 795 4.06 2.64 37.11
N LEU A 796 2.82 3.07 36.85
CA LEU A 796 2.31 3.40 35.54
C LEU A 796 2.18 4.90 35.51
N GLU A 797 2.74 5.56 34.51
CA GLU A 797 2.53 6.99 34.33
C GLU A 797 1.75 7.23 33.06
N VAL A 798 0.68 8.03 33.18
CA VAL A 798 -0.02 8.53 32.02
C VAL A 798 0.34 10.02 31.86
N ASN A 799 0.98 10.34 30.74
CA ASN A 799 1.67 11.59 30.49
C ASN A 799 1.05 12.15 29.20
N ILE A 800 0.69 13.43 29.15
CA ILE A 800 0.01 13.99 27.98
C ILE A 800 0.93 14.89 27.18
N SER A 801 1.05 14.68 25.88
CA SER A 801 1.99 15.51 25.13
C SER A 801 1.36 16.58 24.21
N GLN A 802 0.15 16.32 23.73
CA GLN A 802 -0.62 17.27 22.92
C GLN A 802 -2.03 17.13 23.41
N SER A 803 -2.64 18.24 23.76
CA SER A 803 -3.91 18.14 24.46
C SER A 803 -4.83 19.21 23.89
N THR A 804 -5.07 19.17 22.59
CA THR A 804 -5.91 20.16 21.96
C THR A 804 -7.22 19.54 21.45
N TYR A 805 -7.50 18.31 21.84
CA TYR A 805 -8.84 17.77 21.63
C TYR A 805 -9.35 17.13 22.89
N LYS A 806 -10.55 17.54 23.30
CA LYS A 806 -11.19 16.88 24.42
C LYS A 806 -12.49 16.28 23.96
N ASP A 807 -12.53 14.95 23.88
CA ASP A 807 -13.71 14.26 23.43
C ASP A 807 -14.89 14.60 24.38
N PRO A 808 -16.02 15.13 23.83
CA PRO A 808 -17.17 15.49 24.65
C PRO A 808 -17.94 14.31 25.20
N ASN A 809 -17.57 13.10 24.81
CA ASN A 809 -18.25 11.93 25.36
C ASN A 809 -17.68 11.50 26.69
N ASN A 810 -16.75 12.29 27.22
CA ASN A 810 -16.22 12.07 28.61
C ASN A 810 -15.63 10.62 28.82
N LEU A 811 -14.72 10.24 27.93
CA LEU A 811 -14.11 8.90 27.93
C LEU A 811 -13.09 8.69 29.07
N ALA A 812 -12.99 7.46 29.57
CA ALA A 812 -12.04 7.17 30.63
C ALA A 812 -11.58 5.72 30.53
N PHE A 813 -10.35 5.48 30.97
CA PHE A 813 -9.83 4.13 31.16
C PHE A 813 -10.46 3.61 32.40
N ASN A 814 -11.20 2.50 32.30
CA ASN A 814 -11.79 1.97 33.48
C ASN A 814 -11.27 0.57 33.78
N GLU A 815 -10.29 0.12 33.02
CA GLU A 815 -9.64 -1.19 33.27
C GLU A 815 -8.20 -1.15 32.80
N ILE A 816 -7.33 -1.74 33.60
CA ILE A 816 -5.91 -1.90 33.24
C ILE A 816 -5.57 -3.38 33.50
N LYS A 817 -5.17 -4.08 32.46
CA LYS A 817 -4.74 -5.45 32.56
C LYS A 817 -3.21 -5.48 32.48
N ILE A 818 -2.55 -6.05 33.47
CA ILE A 818 -1.08 -6.15 33.48
C ILE A 818 -0.69 -7.61 33.31
N LEU A 819 0.15 -7.88 32.31
CA LEU A 819 0.57 -9.22 31.98
C LEU A 819 2.01 -9.45 32.47
N GLY A 820 2.31 -10.63 32.93
CA GLY A 820 3.67 -10.99 33.31
C GLY A 820 4.08 -10.24 34.55
N THR A 821 3.16 -10.12 35.50
CA THR A 821 3.45 -9.38 36.70
C THR A 821 3.27 -10.26 37.95
N GLU A 822 4.04 -9.94 38.99
CA GLU A 822 3.83 -10.56 40.32
C GLU A 822 2.67 -9.80 40.97
N GLU A 823 2.10 -10.33 42.04
CA GLU A 823 0.87 -9.75 42.61
C GLU A 823 1.03 -8.31 43.01
N PRO A 824 0.25 -7.39 42.39
CA PRO A 824 0.34 -6.00 42.81
C PRO A 824 -0.42 -5.83 44.10
N SER A 825 0.12 -5.01 45.00
CA SER A 825 -0.64 -4.71 46.19
C SER A 825 -0.68 -3.22 46.42
N ASN A 826 -1.69 -2.81 47.15
CA ASN A 826 -1.82 -1.43 47.62
C ASN A 826 -1.66 -0.43 46.47
N VAL A 827 -2.53 -0.62 45.48
CA VAL A 827 -2.60 0.21 44.29
C VAL A 827 -3.13 1.58 44.62
N THR A 828 -2.36 2.59 44.25
CA THR A 828 -2.73 3.99 44.43
C THR A 828 -2.87 4.68 43.10
N VAL A 829 -3.77 5.66 43.04
CA VAL A 829 -3.95 6.51 41.88
C VAL A 829 -3.73 7.97 42.27
N LYS A 830 -2.83 8.65 41.59
CA LYS A 830 -2.65 10.08 41.76
C LYS A 830 -3.05 10.77 40.48
N HIS A 831 -3.66 11.94 40.61
CA HIS A 831 -4.06 12.73 39.48
C HIS A 831 -3.33 14.05 39.59
N ASN A 832 -2.63 14.46 38.54
CA ASN A 832 -1.65 15.58 38.60
C ASN A 832 -0.75 15.53 39.83
N GLY A 833 -0.36 14.31 40.22
CA GLY A 833 0.45 14.10 41.42
C GLY A 833 -0.27 14.22 42.76
N VAL A 834 -1.59 14.35 42.73
CA VAL A 834 -2.42 14.45 43.94
C VAL A 834 -3.20 13.15 44.14
N PRO A 835 -2.98 12.45 45.27
CA PRO A 835 -3.91 11.36 45.58
C PRO A 835 -5.16 11.97 46.20
N SER A 836 -6.39 11.53 45.87
CA SER A 836 -6.85 10.48 44.98
C SER A 836 -8.26 10.15 45.48
N THR A 838 -10.74 7.05 46.75
CA THR A 838 -10.66 6.08 45.65
C THR A 838 -9.50 5.09 45.83
N SER A 839 -9.84 3.81 45.98
CA SER A 839 -8.92 2.68 45.91
C SER A 839 -9.51 1.66 44.93
N PRO A 840 -8.78 1.33 43.84
CA PRO A 840 -9.30 0.41 42.83
C PRO A 840 -9.35 -1.06 43.27
N THR A 841 -10.21 -1.83 42.59
CA THR A 841 -10.29 -3.28 42.76
C THR A 841 -9.20 -3.93 41.94
N VAL A 842 -8.50 -4.90 42.53
CA VAL A 842 -7.52 -5.63 41.79
C VAL A 842 -7.83 -7.09 41.87
N THR A 843 -7.88 -7.75 40.71
CA THR A 843 -8.01 -9.18 40.63
C THR A 843 -6.65 -9.74 40.17
N TYR A 844 -6.21 -10.82 40.78
CA TYR A 844 -4.91 -11.39 40.41
C TYR A 844 -5.06 -12.85 40.14
N ASP A 845 -4.48 -13.31 39.02
CA ASP A 845 -4.43 -14.68 38.68
C ASP A 845 -2.96 -15.07 38.84
N SER A 846 -2.69 -15.87 39.86
CA SER A 846 -1.30 -16.20 40.23
C SER A 846 -0.70 -17.28 39.32
N ASN A 847 -1.56 -18.11 38.75
CA ASN A 847 -1.12 -19.10 37.81
C ASN A 847 -0.63 -18.47 36.49
N LEU A 848 -1.33 -17.45 36.02
CA LEU A 848 -1.05 -16.81 34.73
C LEU A 848 -0.21 -15.55 34.87
N LYS A 849 -0.09 -15.05 36.09
CA LYS A 849 0.63 -13.83 36.39
C LYS A 849 -0.03 -12.59 35.72
N VAL A 850 -1.34 -12.49 35.82
CA VAL A 850 -2.13 -11.40 35.23
C VAL A 850 -2.88 -10.67 36.32
N ALA A 851 -2.70 -9.37 36.41
CA ALA A 851 -3.45 -8.51 37.32
C ALA A 851 -4.40 -7.68 36.52
N ILE A 852 -5.64 -7.55 36.99
CA ILE A 852 -6.60 -6.62 36.35
C ILE A 852 -7.06 -5.59 37.34
N ILE A 853 -6.87 -4.33 37.00
CA ILE A 853 -7.27 -3.24 37.88
C ILE A 853 -8.57 -2.63 37.33
N THR A 854 -9.55 -2.57 38.21
CA THR A 854 -10.90 -2.20 37.82
C THR A 854 -11.46 -1.22 38.89
N ASP A 855 -12.71 -0.72 38.77
CA ASP A 855 -13.23 0.20 39.83
C ASP A 855 -12.34 1.45 39.77
N ILE A 856 -11.94 1.81 38.55
CA ILE A 856 -11.00 2.90 38.34
C ILE A 856 -11.58 3.81 37.23
N ASP A 857 -11.15 5.06 37.20
CA ASP A 857 -11.66 6.00 36.20
C ASP A 857 -10.67 7.08 35.79
N LEU A 858 -9.74 6.72 34.91
CA LEU A 858 -8.75 7.67 34.48
C LEU A 858 -9.22 8.42 33.24
N LEU A 859 -9.57 9.68 33.42
CA LEU A 859 -10.14 10.47 32.35
C LEU A 859 -9.18 10.57 31.20
N LEU A 860 -9.69 10.40 29.98
CA LEU A 860 -8.87 10.62 28.83
C LEU A 860 -8.39 12.08 28.71
N GLY A 861 -7.07 12.24 28.54
CA GLY A 861 -6.52 13.58 28.43
C GLY A 861 -5.97 14.15 29.74
N GLU A 862 -5.99 13.36 30.81
CA GLU A 862 -5.49 13.82 32.11
C GLU A 862 -4.29 13.00 32.51
N ALA A 863 -3.36 13.60 33.27
CA ALA A 863 -2.15 12.93 33.72
C ALA A 863 -2.37 12.21 35.04
N TYR A 864 -2.01 10.92 35.07
CA TYR A 864 -2.19 10.10 36.26
C TYR A 864 -0.91 9.31 36.50
N THR A 865 -0.73 8.92 37.77
CA THR A 865 0.28 7.98 38.18
C THR A 865 -0.48 6.88 38.85
N VAL A 866 -0.20 5.66 38.50
CA VAL A 866 -0.75 4.51 39.23
C VAL A 866 0.44 3.76 39.74
N GLU A 867 0.41 3.38 41.03
CA GLU A 867 1.55 2.82 41.71
C GLU A 867 1.11 1.64 42.54
N TRP A 868 1.97 0.64 42.63
CA TRP A 868 1.68 -0.54 43.41
C TRP A 868 2.97 -1.01 44.08
N ALA A 869 2.80 -1.85 45.09
CA ALA A 869 3.92 -2.50 45.67
C ALA A 869 3.87 -3.98 45.31
N HIS A 870 4.99 -4.65 45.54
CA HIS A 870 5.13 -6.11 45.51
C HIS A 870 5.74 -6.57 46.83
#